data_5KPG
#
_entry.id   5KPG
#
_cell.length_a   53.900
_cell.length_b   71.970
_cell.length_c   95.130
_cell.angle_alpha   90.00
_cell.angle_beta   99.25
_cell.angle_gamma   90.00
#
_symmetry.space_group_name_H-M   'P 1 21 1'
#
loop_
_entity.id
_entity.type
_entity.pdbx_description
1 polymer 'Pavine N-methyltransferase'
2 non-polymer S-ADENOSYL-L-HOMOCYSTEINE
3 water water
#
_entity_poly.entity_id   1
_entity_poly.type   'polypeptide(L)'
_entity_poly.pdbx_seq_one_letter_code
;MRGSHHHHHHGMASMTGGQQMGRDLYDDDDKDRWIRPRDLQMETKQTKKEAVANLIKRIEHGEVSDEEIRGMMKIQVQKR
LKWGYKPTHEQQLAQLVTFAQSLKGMEMAEEVDTLDAELYEIPLPFLHIMCGKTLKFSPGYFKDESTTLDESEVYMMDLY
CERAQIKDGQSILDLGCGHGSLTLHVAQKYRGCKVTGITNSVSQKEFIMDQCKKLDLSNVEIILEDVTKFETEITYDRIF
AVALIEHMKNYELFLKKVSTWIAQDGLLFVEHHCHKVFAYQYEPLDEDDWYTEYIFPSGTLVMSSSSILLYFQEDVSVVN
HWTLSGKHPSLGFKQWLKRLDDNIDEVKEIFESFYGSKEKAMKFITYWRVFCIAHSQMYSTNNGEEWMLSQVLFKKK
;
_entity_poly.pdbx_strand_id   A,B
#
# COMPACT_ATOMS: atom_id res chain seq x y z
N GLU A 50 19.12 30.42 16.34
CA GLU A 50 20.26 29.62 15.92
C GLU A 50 21.44 29.71 16.88
N ALA A 51 21.49 28.77 17.83
CA ALA A 51 22.73 28.34 18.46
C ALA A 51 23.12 26.96 17.96
N VAL A 52 22.47 26.49 16.89
CA VAL A 52 22.71 25.16 16.34
C VAL A 52 24.15 25.03 15.88
N ALA A 53 24.72 26.10 15.32
CA ALA A 53 26.10 26.04 14.85
C ALA A 53 27.05 25.70 16.00
N ASN A 54 26.90 26.38 17.14
CA ASN A 54 27.78 26.12 18.27
C ASN A 54 27.65 24.69 18.76
N LEU A 55 26.43 24.14 18.76
CA LEU A 55 26.27 22.72 19.08
C LEU A 55 27.10 21.87 18.14
N ILE A 56 27.01 22.13 16.83
CA ILE A 56 27.76 21.35 15.85
C ILE A 56 29.26 21.50 16.08
N LYS A 57 29.74 22.74 16.25
CA LYS A 57 31.15 22.94 16.52
C LYS A 57 31.58 22.28 17.82
N ARG A 58 30.65 22.13 18.77
CA ARG A 58 31.00 21.44 20.00
C ARG A 58 31.14 19.93 19.76
N ILE A 59 30.25 19.34 18.97
CA ILE A 59 30.38 17.91 18.69
C ILE A 59 31.72 17.64 18.01
N GLU A 60 32.11 18.48 17.07
CA GLU A 60 33.35 18.27 16.33
C GLU A 60 34.57 18.29 17.23
N HIS A 61 34.56 19.11 18.28
CA HIS A 61 35.69 19.19 19.20
C HIS A 61 35.56 18.22 20.37
N GLY A 62 34.65 17.26 20.28
CA GLY A 62 34.63 16.15 21.22
C GLY A 62 34.04 16.41 22.59
N GLU A 63 33.21 17.44 22.74
CA GLU A 63 32.59 17.73 24.03
C GLU A 63 31.18 17.19 24.15
N VAL A 64 30.64 16.60 23.10
CA VAL A 64 29.30 16.01 23.12
C VAL A 64 29.46 14.50 23.07
N SER A 65 29.08 13.83 24.17
CA SER A 65 29.25 12.39 24.28
C SER A 65 28.37 11.65 23.27
N ASP A 66 28.76 10.39 23.01
CA ASP A 66 27.93 9.53 22.16
C ASP A 66 26.52 9.38 22.72
N GLU A 67 26.40 9.20 24.04
CA GLU A 67 25.08 9.09 24.65
C GLU A 67 24.26 10.37 24.46
N GLU A 68 24.91 11.53 24.47
CA GLU A 68 24.18 12.76 24.20
C GLU A 68 23.65 12.76 22.77
N ILE A 69 24.48 12.35 21.81
CA ILE A 69 24.02 12.26 20.41
C ILE A 69 22.84 11.30 20.31
N ARG A 70 22.97 10.13 20.94
CA ARG A 70 21.90 9.14 20.94
C ARG A 70 20.61 9.72 21.51
N GLY A 71 20.72 10.43 22.63
CA GLY A 71 19.54 11.04 23.23
C GLY A 71 18.95 12.13 22.35
N MET A 72 19.80 12.96 21.75
CA MET A 72 19.33 13.96 20.80
C MET A 72 18.53 13.31 19.68
N MET A 73 19.02 12.18 19.15
CA MET A 73 18.29 11.51 18.08
C MET A 73 16.98 10.91 18.57
N LYS A 74 16.93 10.43 19.82
CA LYS A 74 15.67 9.89 20.32
C LYS A 74 14.60 10.98 20.36
N ILE A 75 15.00 12.21 20.70
CA ILE A 75 14.06 13.34 20.69
C ILE A 75 13.62 13.65 19.26
N GLN A 76 14.59 13.71 18.34
CA GLN A 76 14.27 13.93 16.93
C GLN A 76 13.30 12.87 16.44
N VAL A 77 13.55 11.61 16.77
CA VAL A 77 12.72 10.49 16.34
C VAL A 77 11.29 10.67 16.83
N GLN A 78 11.14 10.96 18.12
CA GLN A 78 9.78 11.10 18.66
C GLN A 78 9.04 12.26 18.01
N LYS A 79 9.75 13.35 17.70
CA LYS A 79 9.11 14.45 16.98
C LYS A 79 8.67 14.02 15.59
N ARG A 80 9.56 13.34 14.86
CA ARG A 80 9.21 12.94 13.50
C ARG A 80 8.02 11.99 13.49
N LEU A 81 7.98 11.06 14.45
CA LEU A 81 6.84 10.14 14.55
C LEU A 81 5.56 10.89 14.88
N LYS A 82 5.60 11.81 15.84
CA LYS A 82 4.42 12.60 16.16
C LYS A 82 3.95 13.41 14.95
N TRP A 83 4.89 13.93 14.16
CA TRP A 83 4.56 14.68 12.96
C TRP A 83 3.90 13.80 11.91
N GLY A 84 4.39 12.58 11.75
CA GLY A 84 3.97 11.76 10.63
C GLY A 84 2.67 11.01 10.87
N TYR A 85 2.46 10.55 12.10
CA TYR A 85 1.29 9.75 12.41
C TYR A 85 0.06 10.64 12.54
N LYS A 86 -1.08 10.11 12.12
CA LYS A 86 -2.36 10.81 12.17
C LYS A 86 -3.37 9.94 12.92
N PRO A 87 -4.43 10.55 13.47
CA PRO A 87 -5.36 9.75 14.29
C PRO A 87 -6.30 8.86 13.49
N THR A 88 -6.50 9.11 12.19
CA THR A 88 -7.38 8.28 11.39
C THR A 88 -6.66 7.79 10.14
N HIS A 89 -7.05 6.61 9.67
CA HIS A 89 -6.46 6.08 8.43
C HIS A 89 -6.80 6.96 7.24
N GLU A 90 -8.01 7.54 7.21
CA GLU A 90 -8.34 8.49 6.15
CA GLU A 90 -8.33 8.50 6.16
C GLU A 90 -7.26 9.57 6.05
N GLN A 91 -6.87 10.15 7.17
CA GLN A 91 -5.84 11.21 7.13
C GLN A 91 -4.47 10.63 6.81
N GLN A 92 -4.14 9.48 7.41
CA GLN A 92 -2.83 8.89 7.16
C GLN A 92 -2.65 8.58 5.68
N LEU A 93 -3.66 7.98 5.07
CA LEU A 93 -3.53 7.64 3.67
C LEU A 93 -3.47 8.89 2.80
N ALA A 94 -4.34 9.87 3.08
CA ALA A 94 -4.31 11.11 2.29
C ALA A 94 -2.95 11.78 2.37
N GLN A 95 -2.31 11.71 3.52
CA GLN A 95 -0.99 12.31 3.65
C GLN A 95 0.00 11.62 2.71
N LEU A 96 -0.07 10.28 2.63
CA LEU A 96 0.84 9.53 1.77
C LEU A 96 0.53 9.77 0.30
N VAL A 97 -0.75 9.72 -0.09
CA VAL A 97 -1.09 9.89 -1.50
C VAL A 97 -0.72 11.31 -1.95
N THR A 98 -1.01 12.31 -1.11
CA THR A 98 -0.65 13.68 -1.46
C THR A 98 0.86 13.81 -1.64
N PHE A 99 1.63 13.16 -0.76
CA PHE A 99 3.08 13.24 -0.86
C PHE A 99 3.56 12.56 -2.15
N ALA A 100 3.07 11.36 -2.43
CA ALA A 100 3.40 10.68 -3.68
C ALA A 100 3.10 11.56 -4.89
N GLN A 101 1.91 12.17 -4.92
CA GLN A 101 1.54 12.99 -6.07
C GLN A 101 2.48 14.18 -6.21
N SER A 102 2.96 14.72 -5.09
CA SER A 102 3.87 15.87 -5.17
C SER A 102 5.20 15.49 -5.84
N LEU A 103 5.64 14.24 -5.72
CA LEU A 103 6.90 13.83 -6.33
C LEU A 103 6.81 13.86 -7.86
N LYS A 104 5.60 13.64 -8.40
CA LYS A 104 5.42 13.52 -9.84
C LYS A 104 5.74 14.80 -10.58
N GLY A 105 5.67 15.94 -9.90
CA GLY A 105 6.01 17.20 -10.53
C GLY A 105 7.45 17.62 -10.36
N MET A 106 8.28 16.79 -9.74
CA MET A 106 9.63 17.19 -9.37
C MET A 106 10.64 16.68 -10.38
N GLU A 107 11.89 17.13 -10.20
CA GLU A 107 13.03 16.57 -10.91
C GLU A 107 13.27 15.13 -10.46
N MET A 108 13.87 14.34 -11.35
CA MET A 108 14.25 13.00 -10.93
C MET A 108 15.21 13.05 -9.76
N ALA A 109 16.13 14.01 -9.76
CA ALA A 109 17.08 14.17 -8.68
C ALA A 109 17.61 15.59 -8.66
N GLU A 110 18.17 15.98 -7.51
CA GLU A 110 18.83 17.26 -7.37
C GLU A 110 20.03 17.35 -8.31
N GLU A 111 20.27 18.55 -8.84
CA GLU A 111 21.44 18.76 -9.70
C GLU A 111 22.72 18.85 -8.89
N GLU A 121 32.92 12.10 -2.08
CA GLU A 121 34.23 11.48 -2.32
C GLU A 121 34.90 11.09 -1.00
N ILE A 122 34.85 9.80 -0.67
CA ILE A 122 35.31 9.28 0.62
C ILE A 122 36.62 8.54 0.39
N PRO A 123 37.67 8.83 1.15
CA PRO A 123 38.93 8.08 1.01
C PRO A 123 38.71 6.58 1.06
N LEU A 124 39.26 5.88 0.06
CA LEU A 124 39.14 4.43 0.02
C LEU A 124 39.65 3.74 1.28
N PRO A 125 40.80 4.12 1.85
CA PRO A 125 41.24 3.45 3.09
C PRO A 125 40.28 3.64 4.24
N PHE A 126 39.49 4.72 4.25
CA PHE A 126 38.49 4.87 5.29
C PHE A 126 37.33 3.89 5.10
N LEU A 127 36.85 3.74 3.87
CA LEU A 127 35.79 2.78 3.63
C LEU A 127 36.24 1.36 3.94
N HIS A 128 37.51 1.05 3.66
CA HIS A 128 38.04 -0.27 3.99
C HIS A 128 37.99 -0.55 5.48
N ILE A 129 38.08 0.50 6.29
CA ILE A 129 38.01 0.35 7.73
C ILE A 129 36.55 0.24 8.20
N MET A 130 35.73 1.22 7.80
CA MET A 130 34.37 1.32 8.35
C MET A 130 33.46 0.24 7.79
N CYS A 131 33.44 0.08 6.47
CA CYS A 131 32.54 -0.86 5.83
C CYS A 131 33.07 -2.29 5.89
N GLY A 132 32.18 -3.24 5.57
CA GLY A 132 32.58 -4.64 5.46
C GLY A 132 33.48 -4.89 4.26
N LYS A 133 33.85 -6.16 4.09
CA LYS A 133 34.86 -6.53 3.11
C LYS A 133 34.47 -6.14 1.69
N THR A 134 33.17 -6.16 1.36
CA THR A 134 32.74 -5.83 0.01
C THR A 134 32.41 -4.35 -0.16
N LEU A 135 32.65 -3.53 0.87
CA LEU A 135 32.38 -2.10 0.83
C LEU A 135 30.91 -1.84 0.50
N LYS A 136 30.02 -2.68 1.01
CA LYS A 136 28.59 -2.49 0.81
C LYS A 136 28.12 -1.22 1.52
N PHE A 137 27.51 -0.28 0.78
CA PHE A 137 27.07 0.95 1.39
C PHE A 137 25.55 0.92 1.49
N SER A 138 25.05 -0.04 2.26
CA SER A 138 23.65 -0.40 2.35
C SER A 138 23.59 -1.54 3.36
N PRO A 139 22.41 -1.92 3.86
CA PRO A 139 22.37 -2.80 5.03
C PRO A 139 22.82 -4.21 4.76
N GLY A 140 23.33 -4.83 5.81
CA GLY A 140 23.50 -6.26 5.81
C GLY A 140 22.32 -6.94 6.43
N TYR A 141 22.29 -8.27 6.33
CA TYR A 141 21.25 -9.08 6.95
C TYR A 141 21.87 -9.84 8.11
N PHE A 142 21.33 -9.63 9.31
CA PHE A 142 21.89 -10.24 10.51
C PHE A 142 20.98 -11.39 10.94
N LYS A 143 21.45 -12.62 10.76
CA LYS A 143 20.67 -13.80 11.17
C LYS A 143 20.62 -13.89 12.69
N ASP A 144 21.78 -13.93 13.33
CA ASP A 144 21.95 -13.73 14.77
C ASP A 144 22.76 -12.46 15.00
N GLU A 145 23.06 -12.18 16.26
CA GLU A 145 24.12 -11.25 16.58
C GLU A 145 25.42 -11.96 16.85
N SER A 146 25.52 -13.23 16.47
CA SER A 146 26.80 -13.80 16.08
C SER A 146 27.19 -13.38 14.67
N THR A 147 26.22 -12.99 13.83
CA THR A 147 26.53 -12.55 12.47
C THR A 147 27.45 -11.35 12.52
N THR A 148 28.59 -11.46 11.83
CA THR A 148 29.54 -10.37 11.70
C THR A 148 29.10 -9.42 10.59
N LEU A 149 29.75 -8.26 10.54
CA LEU A 149 29.47 -7.32 9.46
C LEU A 149 29.75 -7.95 8.11
N ASP A 150 30.90 -8.60 7.96
CA ASP A 150 31.22 -9.23 6.68
C ASP A 150 30.16 -10.27 6.30
N GLU A 151 29.74 -11.09 7.27
CA GLU A 151 28.74 -12.11 7.00
C GLU A 151 27.41 -11.49 6.61
N SER A 152 27.05 -10.38 7.26
CA SER A 152 25.79 -9.71 6.98
C SER A 152 25.74 -9.21 5.55
N GLU A 153 26.89 -8.78 5.00
CA GLU A 153 26.89 -8.29 3.62
C GLU A 153 26.58 -9.42 2.65
N VAL A 154 27.25 -10.56 2.84
CA VAL A 154 27.02 -11.70 1.96
C VAL A 154 25.63 -12.26 2.13
N TYR A 155 25.13 -12.37 3.37
CA TYR A 155 23.78 -12.86 3.59
C TYR A 155 22.78 -11.99 2.83
N MET A 156 22.97 -10.68 2.85
CA MET A 156 21.99 -9.82 2.22
C MET A 156 22.10 -9.92 0.71
N MET A 157 23.31 -10.00 0.17
CA MET A 157 23.41 -10.07 -1.28
C MET A 157 22.89 -11.40 -1.81
N ASP A 158 23.08 -12.49 -1.06
CA ASP A 158 22.47 -13.74 -1.46
C ASP A 158 20.94 -13.66 -1.38
N LEU A 159 20.41 -12.91 -0.41
CA LEU A 159 18.96 -12.68 -0.34
C LEU A 159 18.48 -11.89 -1.55
N TYR A 160 19.25 -10.87 -1.99
CA TYR A 160 18.90 -10.15 -3.21
C TYR A 160 18.87 -11.09 -4.41
N CYS A 161 19.86 -11.99 -4.52
CA CYS A 161 19.92 -12.89 -5.67
C CYS A 161 18.72 -13.84 -5.67
N GLU A 162 18.32 -14.32 -4.49
CA GLU A 162 17.16 -15.19 -4.39
C GLU A 162 15.91 -14.43 -4.77
N ARG A 163 15.70 -13.26 -4.18
CA ARG A 163 14.43 -12.56 -4.37
C ARG A 163 14.32 -11.96 -5.76
N ALA A 164 15.44 -11.58 -6.37
CA ALA A 164 15.43 -11.10 -7.74
C ALA A 164 15.50 -12.24 -8.75
N GLN A 165 15.53 -13.50 -8.30
CA GLN A 165 15.48 -14.65 -9.21
C GLN A 165 16.64 -14.60 -10.20
N ILE A 166 17.85 -14.41 -9.66
CA ILE A 166 19.05 -14.37 -10.47
C ILE A 166 19.46 -15.79 -10.84
N LYS A 167 19.83 -15.97 -12.10
CA LYS A 167 20.28 -17.27 -12.62
C LYS A 167 21.47 -17.05 -13.53
N ASP A 168 22.35 -18.06 -13.57
CA ASP A 168 23.52 -17.97 -14.43
C ASP A 168 23.09 -17.71 -15.88
N GLY A 169 23.85 -16.84 -16.55
CA GLY A 169 23.60 -16.52 -17.94
C GLY A 169 22.83 -15.23 -18.16
N GLN A 170 22.21 -14.67 -17.12
CA GLN A 170 21.44 -13.45 -17.27
C GLN A 170 22.32 -12.23 -17.48
N SER A 171 21.77 -11.24 -18.19
CA SER A 171 22.39 -9.92 -18.18
C SER A 171 21.88 -9.15 -16.97
N ILE A 172 22.81 -8.51 -16.25
CA ILE A 172 22.53 -7.89 -14.95
C ILE A 172 22.95 -6.44 -15.04
N LEU A 173 22.06 -5.53 -14.59
CA LEU A 173 22.38 -4.12 -14.51
C LEU A 173 22.24 -3.67 -13.05
N ASP A 174 23.29 -3.07 -12.51
CA ASP A 174 23.35 -2.66 -11.10
C ASP A 174 23.43 -1.14 -11.07
N LEU A 175 22.31 -0.48 -10.80
CA LEU A 175 22.22 0.98 -10.90
C LEU A 175 22.70 1.64 -9.61
N GLY A 176 23.67 2.56 -9.73
CA GLY A 176 24.25 3.14 -8.53
C GLY A 176 25.02 2.07 -7.78
N CYS A 177 25.98 1.46 -8.46
CA CYS A 177 26.64 0.25 -7.96
C CYS A 177 27.66 0.54 -6.85
N GLY A 178 27.95 1.81 -6.59
CA GLY A 178 28.88 2.14 -5.51
C GLY A 178 30.24 1.54 -5.79
N HIS A 179 30.85 0.97 -4.75
CA HIS A 179 32.13 0.29 -4.91
C HIS A 179 31.98 -1.15 -5.33
N GLY A 180 30.80 -1.53 -5.80
CA GLY A 180 30.62 -2.75 -6.54
C GLY A 180 30.30 -3.99 -5.72
N SER A 181 29.91 -3.85 -4.44
CA SER A 181 29.59 -5.02 -3.61
C SER A 181 28.71 -6.03 -4.35
N LEU A 182 27.59 -5.58 -4.91
CA LEU A 182 26.67 -6.53 -5.53
C LEU A 182 27.11 -6.88 -6.94
N THR A 183 27.64 -5.91 -7.67
CA THR A 183 28.15 -6.17 -9.01
C THR A 183 29.18 -7.28 -8.96
N LEU A 184 30.14 -7.15 -8.05
CA LEU A 184 31.17 -8.17 -7.90
C LEU A 184 30.61 -9.46 -7.28
N HIS A 185 29.65 -9.35 -6.36
CA HIS A 185 29.06 -10.55 -5.78
C HIS A 185 28.44 -11.44 -6.85
N VAL A 186 27.59 -10.83 -7.70
CA VAL A 186 26.93 -11.57 -8.75
C VAL A 186 27.93 -12.06 -9.81
N ALA A 187 28.88 -11.20 -10.21
CA ALA A 187 29.81 -11.59 -11.25
C ALA A 187 30.67 -12.76 -10.81
N GLN A 188 31.04 -12.77 -9.53
CA GLN A 188 31.83 -13.89 -9.00
C GLN A 188 30.99 -15.15 -8.90
N LYS A 189 29.72 -14.99 -8.49
CA LYS A 189 28.87 -16.15 -8.23
C LYS A 189 28.47 -16.83 -9.53
N TYR A 190 28.20 -16.04 -10.58
CA TYR A 190 27.59 -16.51 -11.83
C TYR A 190 28.47 -16.13 -13.02
N ARG A 191 29.37 -17.03 -13.40
CA ARG A 191 30.36 -16.68 -14.41
C ARG A 191 29.74 -16.56 -15.80
N GLY A 192 28.53 -17.10 -16.01
CA GLY A 192 27.84 -16.88 -17.26
C GLY A 192 27.04 -15.60 -17.33
N CYS A 193 26.83 -14.93 -16.19
CA CYS A 193 26.19 -13.62 -16.22
C CYS A 193 27.12 -12.57 -16.80
N LYS A 194 26.54 -11.58 -17.47
CA LYS A 194 27.27 -10.38 -17.84
C LYS A 194 26.72 -9.27 -16.96
N VAL A 195 27.58 -8.67 -16.14
CA VAL A 195 27.14 -7.69 -15.14
C VAL A 195 27.61 -6.31 -15.56
N THR A 196 26.67 -5.36 -15.61
CA THR A 196 26.99 -3.96 -15.87
C THR A 196 26.60 -3.16 -14.65
N GLY A 197 27.53 -2.40 -14.11
CA GLY A 197 27.27 -1.46 -13.03
C GLY A 197 27.36 -0.04 -13.55
N ILE A 198 26.49 0.83 -13.04
CA ILE A 198 26.52 2.26 -13.37
C ILE A 198 26.82 3.04 -12.11
N THR A 199 27.86 3.87 -12.17
CA THR A 199 28.15 4.81 -11.09
C THR A 199 28.64 6.11 -11.69
N ASN A 200 28.43 7.19 -10.96
CA ASN A 200 28.88 8.52 -11.37
C ASN A 200 30.20 8.91 -10.74
N SER A 201 30.90 7.96 -10.11
CA SER A 201 32.16 8.21 -9.43
C SER A 201 33.32 7.54 -10.16
N VAL A 202 34.30 8.36 -10.59
CA VAL A 202 35.52 7.82 -11.18
C VAL A 202 36.22 6.86 -10.23
N SER A 203 36.35 7.25 -8.96
CA SER A 203 37.12 6.40 -8.06
C SER A 203 36.40 5.09 -7.77
N GLN A 204 35.06 5.11 -7.79
CA GLN A 204 34.34 3.86 -7.61
C GLN A 204 34.56 2.94 -8.80
N LYS A 205 34.49 3.49 -10.01
CA LYS A 205 34.71 2.67 -11.20
C LYS A 205 36.11 2.09 -11.19
N GLU A 206 37.10 2.90 -10.88
CA GLU A 206 38.48 2.41 -10.89
C GLU A 206 38.68 1.31 -9.85
N PHE A 207 38.10 1.48 -8.66
CA PHE A 207 38.19 0.42 -7.65
C PHE A 207 37.60 -0.89 -8.17
N ILE A 208 36.41 -0.83 -8.78
CA ILE A 208 35.78 -2.05 -9.27
C ILE A 208 36.62 -2.69 -10.36
N MET A 209 37.13 -1.90 -11.30
CA MET A 209 37.94 -2.49 -12.36
C MET A 209 39.22 -3.09 -11.80
N ASP A 210 39.80 -2.46 -10.77
CA ASP A 210 40.97 -3.06 -10.13
C ASP A 210 40.62 -4.38 -9.47
N GLN A 211 39.46 -4.44 -8.80
CA GLN A 211 38.98 -5.71 -8.23
C GLN A 211 38.80 -6.75 -9.31
N CYS A 212 38.36 -6.33 -10.51
CA CYS A 212 38.18 -7.31 -11.57
C CYS A 212 39.52 -7.89 -11.99
N LYS A 213 40.58 -7.09 -11.98
CA LYS A 213 41.92 -7.60 -12.21
C LYS A 213 42.32 -8.57 -11.11
N LYS A 214 42.15 -8.17 -9.85
CA LYS A 214 42.61 -9.01 -8.74
C LYS A 214 41.86 -10.34 -8.69
N LEU A 215 40.56 -10.30 -8.95
CA LEU A 215 39.70 -11.47 -8.86
C LEU A 215 39.63 -12.28 -10.15
N ASP A 216 40.29 -11.80 -11.21
CA ASP A 216 40.33 -12.50 -12.49
C ASP A 216 38.92 -12.68 -13.08
N LEU A 217 38.17 -11.58 -13.12
CA LEU A 217 36.83 -11.57 -13.67
C LEU A 217 36.83 -10.87 -15.02
N SER A 218 36.04 -11.39 -15.95
CA SER A 218 35.94 -10.82 -17.29
C SER A 218 34.50 -10.51 -17.65
N ASN A 219 33.58 -10.65 -16.70
CA ASN A 219 32.16 -10.49 -16.99
C ASN A 219 31.57 -9.25 -16.34
N VAL A 220 32.41 -8.22 -16.12
CA VAL A 220 32.00 -6.97 -15.49
C VAL A 220 32.33 -5.81 -16.39
N GLU A 221 31.35 -4.92 -16.60
CA GLU A 221 31.55 -3.65 -17.25
C GLU A 221 30.99 -2.58 -16.33
N ILE A 222 31.74 -1.50 -16.14
CA ILE A 222 31.27 -0.37 -15.35
C ILE A 222 31.14 0.85 -16.26
N ILE A 223 29.94 1.40 -16.35
CA ILE A 223 29.66 2.62 -17.09
C ILE A 223 29.70 3.80 -16.12
N LEU A 224 30.47 4.83 -16.47
CA LEU A 224 30.59 6.02 -15.64
C LEU A 224 29.54 7.01 -16.15
N GLU A 225 28.43 7.13 -15.43
CA GLU A 225 27.34 7.96 -15.91
C GLU A 225 26.45 8.34 -14.74
N ASP A 226 25.76 9.47 -14.90
CA ASP A 226 24.64 9.89 -14.06
C ASP A 226 23.41 9.10 -14.49
N VAL A 227 22.90 8.25 -13.59
CA VAL A 227 21.76 7.39 -13.92
C VAL A 227 20.58 8.22 -14.39
N THR A 228 20.40 9.44 -13.86
CA THR A 228 19.24 10.24 -14.23
C THR A 228 19.35 10.82 -15.63
N LYS A 229 20.54 10.81 -16.23
CA LYS A 229 20.71 11.31 -17.58
C LYS A 229 21.15 10.21 -18.54
N PHE A 230 21.23 8.97 -18.07
CA PHE A 230 21.78 7.88 -18.84
C PHE A 230 20.83 7.48 -19.96
N GLU A 231 21.36 7.39 -21.17
CA GLU A 231 20.59 6.94 -22.33
C GLU A 231 21.24 5.68 -22.89
N THR A 232 20.47 4.59 -22.93
CA THR A 232 20.90 3.36 -23.57
C THR A 232 19.69 2.70 -24.19
N GLU A 233 19.94 1.93 -25.26
CA GLU A 233 18.90 1.07 -25.79
C GLU A 233 19.20 -0.40 -25.54
N ILE A 234 20.21 -0.70 -24.71
CA ILE A 234 20.38 -2.05 -24.21
C ILE A 234 19.29 -2.34 -23.19
N THR A 235 18.81 -3.59 -23.19
CA THR A 235 17.87 -4.06 -22.19
C THR A 235 18.51 -5.23 -21.42
N TYR A 236 18.04 -5.43 -20.19
CA TYR A 236 18.70 -6.35 -19.28
C TYR A 236 17.67 -7.29 -18.64
N ASP A 237 18.09 -8.53 -18.40
CA ASP A 237 17.22 -9.51 -17.76
C ASP A 237 16.91 -9.13 -16.33
N ARG A 238 17.87 -8.53 -15.63
CA ARG A 238 17.68 -8.20 -14.22
C ARG A 238 18.32 -6.85 -13.94
N ILE A 239 17.59 -6.00 -13.22
CA ILE A 239 18.09 -4.70 -12.81
C ILE A 239 18.01 -4.61 -11.30
N PHE A 240 19.10 -4.15 -10.67
CA PHE A 240 19.13 -3.86 -9.24
C PHE A 240 19.19 -2.35 -9.02
N ALA A 241 18.41 -1.84 -8.07
CA ALA A 241 18.61 -0.49 -7.55
C ALA A 241 18.59 -0.59 -6.03
N VAL A 242 19.77 -0.79 -5.45
CA VAL A 242 19.90 -1.01 -4.01
C VAL A 242 20.38 0.28 -3.36
N ALA A 243 19.51 0.89 -2.57
CA ALA A 243 19.78 2.12 -1.83
C ALA A 243 20.03 3.31 -2.76
N LEU A 244 19.46 3.25 -3.97
CA LEU A 244 19.60 4.33 -4.94
C LEU A 244 18.42 5.30 -4.93
N ILE A 245 17.19 4.83 -4.71
CA ILE A 245 16.08 5.78 -4.81
C ILE A 245 16.06 6.74 -3.64
N GLU A 246 16.80 6.40 -2.58
CA GLU A 246 17.13 7.33 -1.51
C GLU A 246 17.72 8.62 -2.05
N HIS A 247 18.28 8.61 -3.26
CA HIS A 247 18.88 9.77 -3.90
C HIS A 247 18.00 10.37 -4.98
N MET A 248 16.79 9.86 -5.16
CA MET A 248 15.85 10.32 -6.16
C MET A 248 14.68 11.02 -5.50
N LYS A 249 14.01 11.86 -6.29
CA LYS A 249 12.80 12.52 -5.82
C LYS A 249 11.60 12.08 -6.64
N ASN A 250 11.59 12.34 -7.95
CA ASN A 250 10.46 11.93 -8.78
C ASN A 250 10.60 10.45 -9.11
N TYR A 251 10.00 9.61 -8.26
CA TYR A 251 10.03 8.17 -8.50
C TYR A 251 9.33 7.81 -9.80
N GLU A 252 8.31 8.58 -10.21
CA GLU A 252 7.61 8.29 -11.46
C GLU A 252 8.55 8.41 -12.65
N LEU A 253 9.24 9.54 -12.75
CA LEU A 253 10.22 9.73 -13.82
C LEU A 253 11.34 8.69 -13.75
N PHE A 254 11.83 8.42 -12.55
CA PHE A 254 12.88 7.42 -12.38
C PHE A 254 12.43 6.05 -12.89
N LEU A 255 11.27 5.58 -12.42
CA LEU A 255 10.85 4.24 -12.82
C LEU A 255 10.48 4.18 -14.29
N LYS A 256 9.99 5.28 -14.86
CA LYS A 256 9.75 5.29 -16.30
C LYS A 256 11.04 5.04 -17.07
N LYS A 257 12.10 5.77 -16.72
CA LYS A 257 13.38 5.59 -17.40
C LYS A 257 13.90 4.17 -17.21
N VAL A 258 13.90 3.68 -15.97
CA VAL A 258 14.44 2.35 -15.73
C VAL A 258 13.63 1.30 -16.46
N SER A 259 12.31 1.51 -16.58
CA SER A 259 11.47 0.48 -17.17
C SER A 259 11.87 0.21 -18.61
N THR A 260 12.41 1.21 -19.30
CA THR A 260 12.84 1.01 -20.68
C THR A 260 14.06 0.13 -20.77
N TRP A 261 14.77 -0.10 -19.67
CA TRP A 261 15.96 -0.91 -19.69
C TRP A 261 15.69 -2.36 -19.34
N ILE A 262 14.45 -2.70 -19.01
CA ILE A 262 14.09 -4.06 -18.63
C ILE A 262 13.84 -4.89 -19.89
N ALA A 263 14.53 -6.03 -19.99
CA ALA A 263 14.34 -6.89 -21.14
C ALA A 263 12.99 -7.60 -21.08
N GLN A 264 12.68 -8.31 -22.16
CA GLN A 264 11.46 -9.10 -22.20
C GLN A 264 11.52 -10.18 -21.14
N ASP A 265 10.50 -10.21 -20.29
CA ASP A 265 10.38 -11.05 -19.11
C ASP A 265 11.37 -10.69 -18.02
N GLY A 266 12.00 -9.53 -18.11
CA GLY A 266 12.96 -9.13 -17.10
C GLY A 266 12.31 -8.64 -15.82
N LEU A 267 13.14 -8.47 -14.79
CA LEU A 267 12.70 -8.02 -13.47
C LEU A 267 13.62 -6.93 -12.96
N LEU A 268 13.04 -6.04 -12.16
CA LEU A 268 13.74 -4.96 -11.46
C LEU A 268 13.56 -5.14 -9.96
N PHE A 269 14.68 -5.16 -9.22
CA PHE A 269 14.63 -5.33 -7.77
C PHE A 269 15.11 -4.04 -7.12
N VAL A 270 14.26 -3.43 -6.30
CA VAL A 270 14.55 -2.16 -5.63
C VAL A 270 14.58 -2.42 -4.13
N GLU A 271 15.63 -1.99 -3.44
CA GLU A 271 15.62 -1.93 -1.98
C GLU A 271 15.74 -0.49 -1.53
N HIS A 272 14.83 -0.04 -0.66
CA HIS A 272 14.91 1.31 -0.13
C HIS A 272 14.71 1.34 1.37
N HIS A 273 15.52 2.15 2.04
CA HIS A 273 15.24 2.51 3.43
C HIS A 273 13.93 3.28 3.46
N CYS A 274 13.19 3.14 4.56
CA CYS A 274 11.89 3.78 4.58
C CYS A 274 11.39 3.90 6.01
N HIS A 275 10.34 4.70 6.17
CA HIS A 275 9.46 4.52 7.33
C HIS A 275 8.32 3.59 6.94
N LYS A 276 7.88 2.78 7.91
CA LYS A 276 6.85 1.79 7.66
C LYS A 276 5.58 2.42 7.05
N VAL A 277 5.22 3.61 7.49
CA VAL A 277 3.89 4.17 7.28
C VAL A 277 3.93 5.44 6.41
N PHE A 278 4.74 6.41 6.80
CA PHE A 278 4.65 7.72 6.17
C PHE A 278 5.97 8.12 5.51
N ALA A 279 5.87 9.03 4.54
CA ALA A 279 7.02 9.56 3.82
C ALA A 279 7.22 11.03 4.14
N TYR A 280 8.42 11.55 3.87
CA TYR A 280 8.65 12.96 4.15
C TYR A 280 9.93 13.43 3.46
N GLN A 281 9.99 14.74 3.21
CA GLN A 281 11.24 15.36 2.84
C GLN A 281 12.03 15.73 4.10
N TYR A 282 13.36 15.69 3.97
CA TYR A 282 14.25 16.11 5.05
C TYR A 282 14.22 17.63 5.19
N GLU A 283 13.13 18.13 5.76
CA GLU A 283 12.98 19.51 6.23
C GLU A 283 13.03 19.54 7.75
N PRO A 284 13.77 20.48 8.35
CA PRO A 284 13.80 20.56 9.82
C PRO A 284 12.40 20.64 10.38
N LEU A 285 12.21 20.01 11.54
CA LEU A 285 10.90 19.99 12.20
C LEU A 285 10.62 21.26 12.99
N ASP A 286 11.66 21.87 13.56
CA ASP A 286 11.54 23.14 14.27
C ASP A 286 12.93 23.75 14.36
N GLU A 287 13.04 24.84 15.12
CA GLU A 287 14.32 25.53 15.24
C GLU A 287 15.33 24.78 16.10
N ASP A 288 14.90 23.78 16.85
CA ASP A 288 15.82 22.95 17.63
C ASP A 288 16.37 21.78 16.83
N ASP A 289 15.83 21.49 15.65
CA ASP A 289 16.29 20.41 14.79
C ASP A 289 17.66 20.74 14.21
N TRP A 290 18.69 20.04 14.68
CA TRP A 290 20.02 20.06 14.08
C TRP A 290 20.26 18.89 13.14
N TYR A 291 19.61 17.75 13.39
CA TYR A 291 19.89 16.51 12.65
C TYR A 291 19.72 16.72 11.16
N THR A 292 18.58 17.26 10.74
CA THR A 292 18.20 17.22 9.34
C THR A 292 19.25 17.90 8.47
N GLU A 293 19.66 19.10 8.83
CA GLU A 293 20.60 19.83 8.00
C GLU A 293 22.06 19.52 8.28
N TYR A 294 22.37 18.88 9.42
CA TYR A 294 23.72 18.39 9.64
C TYR A 294 23.99 17.14 8.83
N ILE A 295 23.05 16.21 8.82
CA ILE A 295 23.26 14.95 8.10
C ILE A 295 23.05 15.12 6.60
N PHE A 296 22.20 16.06 6.19
CA PHE A 296 21.87 16.32 4.79
C PHE A 296 22.16 17.78 4.51
N PRO A 297 23.46 18.14 4.41
CA PRO A 297 23.87 19.55 4.18
C PRO A 297 23.53 20.10 2.80
N SER A 298 22.57 19.49 2.11
CA SER A 298 22.26 19.97 0.78
C SER A 298 21.05 19.23 0.24
N GLY A 299 20.28 19.95 -0.58
CA GLY A 299 19.17 19.38 -1.29
C GLY A 299 18.00 19.02 -0.40
N THR A 300 16.88 18.63 -1.00
CA THR A 300 15.68 18.25 -0.26
C THR A 300 15.33 16.79 -0.58
N LEU A 301 16.17 15.89 -0.08
CA LEU A 301 15.98 14.45 -0.26
C LEU A 301 14.73 13.96 0.50
N VAL A 302 14.36 12.72 0.20
CA VAL A 302 13.07 12.14 0.60
C VAL A 302 13.30 10.83 1.35
N MET A 303 12.66 10.69 2.52
CA MET A 303 12.51 9.40 3.18
C MET A 303 11.21 8.78 2.66
N SER A 304 11.33 7.67 1.94
CA SER A 304 10.17 6.95 1.40
C SER A 304 9.40 6.27 2.53
N SER A 305 8.18 5.85 2.22
CA SER A 305 7.45 4.93 3.08
C SER A 305 7.50 3.53 2.47
N SER A 306 7.17 2.51 3.27
CA SER A 306 7.30 1.16 2.76
C SER A 306 6.33 0.87 1.61
N SER A 307 5.21 1.59 1.53
CA SER A 307 4.23 1.34 0.47
CA SER A 307 4.21 1.36 0.50
C SER A 307 4.31 2.32 -0.68
N ILE A 308 5.24 3.29 -0.64
CA ILE A 308 5.06 4.41 -1.57
C ILE A 308 5.26 4.00 -3.02
N LEU A 309 6.16 3.05 -3.31
CA LEU A 309 6.35 2.66 -4.69
C LEU A 309 5.16 1.92 -5.26
N LEU A 310 4.23 1.44 -4.41
CA LEU A 310 3.01 0.83 -4.92
C LEU A 310 2.17 1.82 -5.72
N TYR A 311 2.38 3.11 -5.51
CA TYR A 311 1.65 4.15 -6.20
C TYR A 311 2.39 4.63 -7.45
N PHE A 312 3.48 3.95 -7.83
CA PHE A 312 4.23 4.30 -9.01
C PHE A 312 4.36 3.09 -9.92
N GLN A 313 3.21 2.53 -10.30
CA GLN A 313 3.15 1.35 -11.16
C GLN A 313 2.55 1.65 -12.53
N GLU A 314 2.89 2.80 -13.12
CA GLU A 314 2.47 3.10 -14.47
C GLU A 314 3.29 2.35 -15.51
N ASP A 315 4.58 2.13 -15.25
CA ASP A 315 5.47 1.59 -16.24
C ASP A 315 6.07 0.26 -15.82
N VAL A 316 5.91 -0.11 -14.55
CA VAL A 316 6.30 -1.41 -14.05
C VAL A 316 5.20 -1.84 -13.10
N SER A 317 5.09 -3.16 -12.85
CA SER A 317 4.09 -3.64 -11.91
C SER A 317 4.70 -4.59 -10.90
N VAL A 318 4.14 -4.56 -9.69
CA VAL A 318 4.74 -5.26 -8.56
C VAL A 318 4.50 -6.76 -8.69
N VAL A 319 5.59 -7.53 -8.63
CA VAL A 319 5.58 -8.99 -8.55
C VAL A 319 5.58 -9.45 -7.09
N ASN A 320 6.42 -8.81 -6.26
CA ASN A 320 6.47 -9.16 -4.85
C ASN A 320 6.95 -7.94 -4.08
N HIS A 321 6.76 -7.99 -2.77
CA HIS A 321 7.06 -6.85 -1.91
C HIS A 321 7.29 -7.37 -0.52
N TRP A 322 8.46 -7.07 0.05
CA TRP A 322 8.82 -7.52 1.37
C TRP A 322 9.35 -6.34 2.18
N THR A 323 9.29 -6.46 3.50
CA THR A 323 10.08 -5.57 4.35
C THR A 323 10.96 -6.38 5.27
N LEU A 324 12.05 -5.74 5.71
CA LEU A 324 12.92 -6.26 6.75
C LEU A 324 13.00 -5.23 7.86
N SER A 325 13.10 -5.75 9.09
CA SER A 325 13.13 -4.96 10.32
C SER A 325 14.24 -3.92 10.32
N GLY A 326 13.97 -2.77 10.95
CA GLY A 326 15.04 -1.81 11.17
C GLY A 326 16.20 -2.34 12.01
N LYS A 327 16.03 -3.48 12.68
CA LYS A 327 17.15 -4.07 13.38
C LYS A 327 18.33 -4.32 12.44
N HIS A 328 18.06 -4.70 11.18
CA HIS A 328 19.19 -5.00 10.28
C HIS A 328 20.02 -3.75 9.98
N PRO A 329 19.46 -2.65 9.46
CA PRO A 329 20.31 -1.46 9.30
C PRO A 329 20.87 -0.95 10.62
N SER A 330 20.13 -1.08 11.72
CA SER A 330 20.62 -0.60 13.00
C SER A 330 21.91 -1.31 13.40
N LEU A 331 21.93 -2.64 13.30
CA LEU A 331 23.11 -3.40 13.67
C LEU A 331 24.28 -3.06 12.73
N GLY A 332 23.97 -2.83 11.45
CA GLY A 332 25.05 -2.50 10.51
C GLY A 332 25.75 -1.20 10.86
N PHE A 333 24.97 -0.16 11.15
CA PHE A 333 25.56 1.11 11.55
C PHE A 333 26.33 0.97 12.84
N LYS A 334 25.90 0.09 13.75
CA LYS A 334 26.64 -0.12 14.98
C LYS A 334 28.00 -0.74 14.69
N GLN A 335 28.05 -1.64 13.72
CA GLN A 335 29.30 -2.26 13.34
C GLN A 335 30.22 -1.26 12.63
N TRP A 336 29.65 -0.42 11.76
CA TRP A 336 30.45 0.64 11.14
C TRP A 336 31.11 1.49 12.21
N LEU A 337 30.35 1.92 13.23
CA LEU A 337 30.90 2.77 14.27
C LEU A 337 32.00 2.06 15.03
N LYS A 338 31.77 0.80 15.39
CA LYS A 338 32.78 0.06 16.14
C LYS A 338 34.07 -0.03 15.37
N ARG A 339 33.99 -0.26 14.07
CA ARG A 339 35.20 -0.40 13.27
C ARG A 339 35.92 0.93 13.13
N LEU A 340 35.18 2.01 12.95
CA LEU A 340 35.77 3.34 12.95
C LEU A 340 36.52 3.59 14.26
N ASP A 341 35.86 3.31 15.39
CA ASP A 341 36.45 3.61 16.69
C ASP A 341 37.66 2.72 16.97
N ASP A 342 37.57 1.43 16.64
CA ASP A 342 38.70 0.53 16.87
C ASP A 342 39.93 0.88 16.03
N ASN A 343 39.78 1.74 15.02
CA ASN A 343 40.88 2.12 14.14
C ASN A 343 41.01 3.63 14.06
N ILE A 344 40.71 4.32 15.16
CA ILE A 344 40.57 5.78 15.11
C ILE A 344 41.87 6.46 14.70
N ASP A 345 43.01 5.91 15.13
CA ASP A 345 44.29 6.56 14.80
C ASP A 345 44.53 6.56 13.30
N GLU A 346 44.33 5.40 12.66
CA GLU A 346 44.47 5.36 11.21
C GLU A 346 43.42 6.21 10.52
N VAL A 347 42.18 6.17 11.02
CA VAL A 347 41.14 7.03 10.47
C VAL A 347 41.58 8.49 10.53
N LYS A 348 42.06 8.93 11.70
CA LYS A 348 42.60 10.28 11.81
C LYS A 348 43.75 10.50 10.83
N GLU A 349 44.66 9.53 10.75
CA GLU A 349 45.76 9.61 9.80
C GLU A 349 45.24 9.76 8.38
N ILE A 350 44.28 8.93 7.99
CA ILE A 350 43.69 9.02 6.65
C ILE A 350 43.03 10.38 6.44
N PHE A 351 42.22 10.83 7.41
CA PHE A 351 41.47 12.06 7.20
C PHE A 351 42.36 13.29 7.33
N GLU A 352 43.33 13.26 8.26
CA GLU A 352 44.29 14.38 8.36
C GLU A 352 45.05 14.56 7.06
N SER A 353 45.43 13.47 6.41
CA SER A 353 46.12 13.55 5.12
C SER A 353 45.18 14.02 4.03
N PHE A 354 44.00 13.40 3.93
CA PHE A 354 43.07 13.71 2.85
C PHE A 354 42.48 15.11 3.00
N TYR A 355 42.16 15.52 4.22
CA TYR A 355 41.55 16.83 4.44
C TYR A 355 42.55 17.89 4.88
N GLY A 356 43.82 17.53 5.09
CA GLY A 356 44.84 18.50 5.38
C GLY A 356 44.95 18.87 6.85
N SER A 357 43.95 19.57 7.38
CA SER A 357 44.02 20.04 8.75
C SER A 357 43.44 18.99 9.69
N LYS A 358 44.03 18.89 10.88
CA LYS A 358 43.48 18.02 11.91
C LYS A 358 42.07 18.45 12.32
N GLU A 359 41.71 19.72 12.08
CA GLU A 359 40.37 20.19 12.45
C GLU A 359 39.33 19.82 11.40
N LYS A 360 39.66 19.94 10.11
CA LYS A 360 38.76 19.47 9.07
C LYS A 360 38.63 17.96 9.11
N ALA A 361 39.73 17.26 9.39
CA ALA A 361 39.65 15.82 9.60
C ALA A 361 38.69 15.49 10.74
N MET A 362 38.75 16.27 11.82
CA MET A 362 37.86 16.03 12.93
C MET A 362 36.40 16.28 12.56
N LYS A 363 36.15 17.31 11.73
CA LYS A 363 34.78 17.56 11.28
C LYS A 363 34.22 16.35 10.56
N PHE A 364 35.04 15.70 9.73
CA PHE A 364 34.53 14.60 8.93
C PHE A 364 34.50 13.27 9.68
N ILE A 365 35.44 13.04 10.59
CA ILE A 365 35.31 11.90 11.50
C ILE A 365 34.02 12.04 12.30
N THR A 366 33.76 13.25 12.80
CA THR A 366 32.56 13.48 13.61
C THR A 366 31.31 13.18 12.80
N TYR A 367 31.27 13.65 11.55
CA TYR A 367 30.12 13.38 10.70
C TYR A 367 29.80 11.88 10.68
N TRP A 368 30.80 11.06 10.40
CA TRP A 368 30.54 9.62 10.27
C TRP A 368 30.17 8.97 11.61
N ARG A 369 30.77 9.42 12.71
CA ARG A 369 30.36 8.89 14.01
C ARG A 369 28.91 9.25 14.32
N VAL A 370 28.55 10.52 14.17
CA VAL A 370 27.19 10.98 14.38
C VAL A 370 26.23 10.26 13.42
N PHE A 371 26.63 10.16 12.16
CA PHE A 371 25.84 9.41 11.17
C PHE A 371 25.51 8.01 11.68
N CYS A 372 26.53 7.29 12.14
CA CYS A 372 26.32 5.91 12.60
C CYS A 372 25.50 5.87 13.89
N ILE A 373 25.84 6.72 14.86
CA ILE A 373 25.11 6.71 16.12
C ILE A 373 23.65 7.03 15.89
N ALA A 374 23.38 8.14 15.19
CA ALA A 374 22.00 8.57 15.01
C ALA A 374 21.20 7.56 14.20
N HIS A 375 21.78 7.05 13.11
CA HIS A 375 20.99 6.13 12.31
C HIS A 375 20.84 4.77 12.97
N SER A 376 21.84 4.31 13.73
CA SER A 376 21.61 3.10 14.51
C SER A 376 20.43 3.30 15.45
N GLN A 377 20.39 4.44 16.14
CA GLN A 377 19.29 4.71 17.05
C GLN A 377 17.97 4.79 16.30
N MET A 378 17.95 5.51 15.18
CA MET A 378 16.70 5.70 14.45
C MET A 378 16.12 4.36 13.98
N TYR A 379 16.95 3.49 13.39
CA TYR A 379 16.40 2.24 12.89
C TYR A 379 16.03 1.29 14.01
N SER A 380 16.60 1.47 15.21
CA SER A 380 16.25 0.59 16.31
C SER A 380 14.88 0.90 16.90
N THR A 381 14.34 2.09 16.63
CA THR A 381 13.14 2.59 17.30
C THR A 381 12.03 1.54 17.31
N ASN A 382 11.43 1.33 18.48
CA ASN A 382 10.29 0.41 18.65
C ASN A 382 10.58 -0.96 18.04
N ASN A 383 11.73 -1.52 18.44
CA ASN A 383 12.12 -2.88 18.07
C ASN A 383 12.25 -3.03 16.56
N GLY A 384 12.59 -1.94 15.86
CA GLY A 384 12.79 -2.02 14.42
C GLY A 384 11.53 -1.90 13.61
N GLU A 385 10.41 -1.52 14.22
CA GLU A 385 9.13 -1.50 13.54
C GLU A 385 8.70 -0.10 13.10
N GLU A 386 9.64 0.85 13.04
CA GLU A 386 9.29 2.18 12.53
C GLU A 386 10.05 2.44 11.23
N TRP A 387 11.34 2.71 11.31
CA TRP A 387 12.17 2.76 10.11
C TRP A 387 12.75 1.38 9.83
N MET A 388 12.80 1.02 8.55
CA MET A 388 13.02 -0.37 8.16
C MET A 388 13.43 -0.37 6.69
N LEU A 389 13.48 -1.56 6.09
CA LEU A 389 13.84 -1.72 4.69
C LEU A 389 12.65 -2.22 3.91
N SER A 390 12.46 -1.71 2.69
CA SER A 390 11.46 -2.22 1.78
C SER A 390 12.14 -2.74 0.53
N GLN A 391 11.76 -3.95 0.12
CA GLN A 391 12.27 -4.56 -1.10
C GLN A 391 11.10 -4.79 -2.03
N VAL A 392 11.22 -4.33 -3.27
CA VAL A 392 10.12 -4.45 -4.23
C VAL A 392 10.67 -5.08 -5.50
N LEU A 393 9.97 -6.10 -5.98
CA LEU A 393 10.31 -6.77 -7.23
C LEU A 393 9.27 -6.37 -8.27
N PHE A 394 9.73 -5.84 -9.40
CA PHE A 394 8.87 -5.32 -10.43
C PHE A 394 9.11 -6.09 -11.73
N LYS A 395 8.04 -6.20 -12.53
CA LYS A 395 8.14 -6.62 -13.92
C LYS A 395 7.70 -5.45 -14.80
N LYS A 396 8.01 -5.56 -16.10
CA LYS A 396 7.70 -4.49 -17.03
C LYS A 396 6.20 -4.46 -17.33
N LYS A 397 5.74 -3.28 -17.75
CA LYS A 397 4.35 -3.04 -18.16
C LYS A 397 3.47 -3.11 -16.93
N GLU B 50 -24.02 -27.86 15.60
CA GLU B 50 -24.43 -28.36 16.91
C GLU B 50 -25.23 -27.29 17.64
N ALA B 51 -24.57 -26.57 18.55
CA ALA B 51 -25.17 -25.38 19.13
C ALA B 51 -25.19 -24.23 18.13
N VAL B 52 -24.24 -24.23 17.19
CA VAL B 52 -24.21 -23.20 16.15
C VAL B 52 -25.50 -23.20 15.35
N ALA B 53 -26.07 -24.36 15.10
CA ALA B 53 -27.40 -24.38 14.55
C ALA B 53 -28.46 -24.01 15.60
N ASN B 54 -28.28 -24.43 16.86
CA ASN B 54 -29.33 -24.25 17.87
C ASN B 54 -29.41 -22.83 18.40
N LEU B 55 -28.29 -22.12 18.49
CA LEU B 55 -28.31 -20.74 18.99
C LEU B 55 -29.11 -19.82 18.08
N ILE B 56 -29.01 -20.06 16.76
CA ILE B 56 -29.74 -19.25 15.80
C ILE B 56 -31.23 -19.30 16.07
N LYS B 57 -31.80 -20.51 16.14
CA LYS B 57 -33.23 -20.60 16.38
C LYS B 57 -33.64 -19.81 17.62
N ARG B 58 -32.83 -19.80 18.68
CA ARG B 58 -33.15 -18.96 19.84
C ARG B 58 -33.28 -17.49 19.44
N ILE B 59 -32.34 -17.00 18.63
CA ILE B 59 -32.40 -15.61 18.18
C ILE B 59 -33.68 -15.36 17.41
N GLU B 60 -34.03 -16.28 16.49
CA GLU B 60 -35.24 -16.11 15.70
C GLU B 60 -36.50 -16.08 16.56
N HIS B 61 -36.48 -16.74 17.72
CA HIS B 61 -37.61 -16.68 18.64
C HIS B 61 -37.60 -15.43 19.52
N GLY B 62 -36.58 -14.59 19.43
CA GLY B 62 -36.48 -13.45 20.31
C GLY B 62 -35.89 -13.74 21.67
N GLU B 63 -35.30 -14.92 21.87
CA GLU B 63 -34.65 -15.26 23.14
C GLU B 63 -33.32 -14.54 23.35
N VAL B 64 -32.75 -13.96 22.30
CA VAL B 64 -31.46 -13.28 22.36
C VAL B 64 -31.68 -11.81 22.08
N SER B 65 -31.36 -10.96 23.05
CA SER B 65 -31.56 -9.53 22.88
C SER B 65 -30.54 -8.96 21.91
N ASP B 66 -30.83 -7.76 21.41
CA ASP B 66 -29.92 -7.10 20.47
C ASP B 66 -28.54 -6.90 21.09
N GLU B 67 -28.49 -6.54 22.37
CA GLU B 67 -27.20 -6.31 23.01
C GLU B 67 -26.40 -7.60 23.14
N GLU B 68 -27.08 -8.72 23.41
CA GLU B 68 -26.38 -10.02 23.43
C GLU B 68 -25.82 -10.35 22.06
N ILE B 69 -26.55 -10.00 21.00
CA ILE B 69 -26.05 -10.15 19.65
C ILE B 69 -24.78 -9.34 19.46
N ARG B 70 -24.82 -8.07 19.90
CA ARG B 70 -23.62 -7.23 19.85
C ARG B 70 -22.47 -7.85 20.63
N GLY B 71 -22.76 -8.37 21.83
CA GLY B 71 -21.72 -9.01 22.61
C GLY B 71 -21.11 -10.21 21.90
N MET B 72 -21.95 -10.99 21.22
CA MET B 72 -21.44 -12.11 20.44
C MET B 72 -20.54 -11.63 19.31
N MET B 73 -21.00 -10.63 18.54
CA MET B 73 -20.18 -10.15 17.43
C MET B 73 -18.90 -9.51 17.92
N LYS B 74 -18.91 -8.86 19.09
CA LYS B 74 -17.67 -8.34 19.64
C LYS B 74 -16.65 -9.45 19.84
N ILE B 75 -17.11 -10.62 20.31
CA ILE B 75 -16.23 -11.77 20.43
C ILE B 75 -15.71 -12.18 19.06
N GLN B 76 -16.61 -12.23 18.08
CA GLN B 76 -16.23 -12.56 16.72
C GLN B 76 -15.18 -11.59 16.21
N VAL B 77 -15.41 -10.29 16.43
CA VAL B 77 -14.48 -9.25 15.96
C VAL B 77 -13.09 -9.48 16.53
N GLN B 78 -12.98 -9.61 17.86
CA GLN B 78 -11.66 -9.72 18.46
C GLN B 78 -10.92 -10.95 17.97
N LYS B 79 -11.64 -12.05 17.71
CA LYS B 79 -11.01 -13.24 17.18
C LYS B 79 -10.50 -13.02 15.75
N ARG B 80 -11.30 -12.36 14.92
CA ARG B 80 -10.85 -12.04 13.57
C ARG B 80 -9.62 -11.13 13.60
N LEU B 81 -9.62 -10.13 14.50
CA LEU B 81 -8.51 -9.19 14.56
C LEU B 81 -7.24 -9.88 15.06
N LYS B 82 -7.38 -10.71 16.09
CA LYS B 82 -6.21 -11.44 16.57
C LYS B 82 -5.69 -12.41 15.51
N TRP B 83 -6.60 -13.02 14.73
CA TRP B 83 -6.20 -13.86 13.61
C TRP B 83 -5.43 -13.07 12.55
N GLY B 84 -5.87 -11.86 12.25
CA GLY B 84 -5.32 -11.12 11.13
C GLY B 84 -4.03 -10.40 11.41
N TYR B 85 -3.92 -9.80 12.60
CA TYR B 85 -2.73 -9.03 12.91
C TYR B 85 -1.54 -9.95 13.22
N LYS B 86 -0.36 -9.47 12.86
CA LYS B 86 0.89 -10.15 13.11
C LYS B 86 1.81 -9.24 13.90
N PRO B 87 2.81 -9.79 14.61
CA PRO B 87 3.62 -8.96 15.51
C PRO B 87 4.67 -8.11 14.80
N THR B 88 4.96 -8.39 13.53
CA THR B 88 5.95 -7.61 12.79
C THR B 88 5.38 -7.20 11.44
N HIS B 89 5.88 -6.06 10.94
CA HIS B 89 5.48 -5.65 9.61
C HIS B 89 5.91 -6.65 8.55
N GLU B 90 7.09 -7.25 8.71
CA GLU B 90 7.53 -8.27 7.77
CA GLU B 90 7.52 -8.27 7.77
C GLU B 90 6.44 -9.33 7.57
N GLN B 91 5.91 -9.85 8.68
CA GLN B 91 4.89 -10.89 8.61
C GLN B 91 3.56 -10.35 8.11
N GLN B 92 3.21 -9.14 8.53
CA GLN B 92 1.94 -8.56 8.13
C GLN B 92 1.89 -8.36 6.63
N LEU B 93 2.96 -7.81 6.06
CA LEU B 93 3.02 -7.62 4.62
C LEU B 93 3.02 -8.96 3.89
N ALA B 94 3.82 -9.94 4.35
CA ALA B 94 3.87 -11.22 3.65
C ALA B 94 2.50 -11.87 3.61
N GLN B 95 1.75 -11.74 4.69
CA GLN B 95 0.40 -12.28 4.73
C GLN B 95 -0.48 -11.66 3.65
N LEU B 96 -0.36 -10.34 3.43
CA LEU B 96 -1.14 -9.69 2.39
C LEU B 96 -0.70 -10.12 1.00
N VAL B 97 0.61 -10.12 0.74
CA VAL B 97 1.09 -10.46 -0.61
C VAL B 97 0.70 -11.90 -0.95
N THR B 98 0.84 -12.79 0.03
CA THR B 98 0.49 -14.18 -0.20
C THR B 98 -0.99 -14.33 -0.48
N PHE B 99 -1.82 -13.57 0.24
CA PHE B 99 -3.26 -13.59 -0.02
C PHE B 99 -3.58 -13.08 -1.42
N ALA B 100 -2.98 -11.95 -1.81
CA ALA B 100 -3.19 -11.41 -3.15
C ALA B 100 -2.78 -12.42 -4.22
N GLN B 101 -1.64 -13.10 -4.04
CA GLN B 101 -1.24 -14.06 -5.07
C GLN B 101 -2.25 -15.19 -5.17
N SER B 102 -2.86 -15.56 -4.04
CA SER B 102 -3.80 -16.68 -4.07
C SER B 102 -5.02 -16.33 -4.91
N LEU B 103 -5.49 -15.09 -4.84
CA LEU B 103 -6.62 -14.69 -5.66
C LEU B 103 -6.33 -14.87 -7.15
N LYS B 104 -5.07 -14.75 -7.56
CA LYS B 104 -4.76 -14.86 -8.99
C LYS B 104 -4.87 -16.29 -9.50
N GLY B 105 -5.02 -17.26 -8.61
CA GLY B 105 -5.22 -18.63 -9.03
C GLY B 105 -6.68 -19.03 -8.94
N MET B 106 -7.58 -18.06 -8.90
CA MET B 106 -9.00 -18.36 -8.81
C MET B 106 -9.74 -17.89 -10.06
N GLU B 107 -10.99 -18.31 -10.14
CA GLU B 107 -11.90 -17.78 -11.15
C GLU B 107 -12.22 -16.33 -10.82
N MET B 108 -12.63 -15.58 -11.84
CA MET B 108 -12.96 -14.18 -11.61
C MET B 108 -14.09 -14.05 -10.59
N ALA B 109 -15.08 -14.93 -10.67
CA ALA B 109 -16.13 -14.99 -9.68
C ALA B 109 -16.71 -16.40 -9.66
N GLU B 110 -17.34 -16.74 -8.55
CA GLU B 110 -18.11 -17.98 -8.44
C GLU B 110 -19.22 -18.05 -9.50
N GLU B 121 -34.18 -11.36 -5.86
CA GLU B 121 -34.17 -12.26 -4.72
C GLU B 121 -34.74 -11.59 -3.46
N ILE B 122 -34.56 -10.29 -3.34
CA ILE B 122 -35.05 -9.52 -2.21
C ILE B 122 -36.19 -8.63 -2.69
N PRO B 123 -37.35 -8.66 -2.04
CA PRO B 123 -38.53 -7.97 -2.60
C PRO B 123 -38.35 -6.46 -2.61
N LEU B 124 -38.55 -5.87 -3.79
CA LEU B 124 -38.52 -4.41 -3.94
C LEU B 124 -39.31 -3.68 -2.86
N PRO B 125 -40.56 -4.06 -2.53
CA PRO B 125 -41.24 -3.37 -1.42
C PRO B 125 -40.49 -3.42 -0.10
N PHE B 126 -39.72 -4.47 0.15
CA PHE B 126 -38.90 -4.51 1.36
C PHE B 126 -37.74 -3.51 1.27
N LEU B 127 -37.10 -3.44 0.11
CA LEU B 127 -35.98 -2.51 -0.05
C LEU B 127 -36.43 -1.06 0.09
N HIS B 128 -37.64 -0.73 -0.39
CA HIS B 128 -38.15 0.62 -0.19
C HIS B 128 -38.27 0.98 1.29
N ILE B 129 -38.50 -0.02 2.15
CA ILE B 129 -38.62 0.25 3.57
C ILE B 129 -37.24 0.39 4.21
N MET B 130 -36.37 -0.59 3.99
CA MET B 130 -35.12 -0.65 4.73
C MET B 130 -34.11 0.36 4.20
N CYS B 131 -33.97 0.42 2.88
CA CYS B 131 -32.98 1.31 2.29
C CYS B 131 -33.54 2.73 2.18
N GLY B 132 -32.66 3.67 1.89
CA GLY B 132 -33.06 5.04 1.67
C GLY B 132 -33.79 5.19 0.35
N LYS B 133 -34.14 6.45 0.05
CA LYS B 133 -35.02 6.73 -1.08
C LYS B 133 -34.43 6.28 -2.42
N THR B 134 -33.10 6.20 -2.55
CA THR B 134 -32.52 5.79 -3.83
C THR B 134 -32.21 4.30 -3.87
N LEU B 135 -32.57 3.57 -2.81
CA LEU B 135 -32.35 2.13 -2.68
C LEU B 135 -30.88 1.78 -2.80
N LYS B 136 -30.02 2.64 -2.25
CA LYS B 136 -28.58 2.42 -2.31
C LYS B 136 -28.22 1.22 -1.46
N PHE B 137 -27.59 0.21 -2.07
CA PHE B 137 -27.23 -1.00 -1.36
C PHE B 137 -25.72 -1.01 -1.15
N SER B 138 -25.27 -0.05 -0.37
CA SER B 138 -23.87 0.34 -0.19
C SER B 138 -23.92 1.55 0.74
N PRO B 139 -22.80 1.94 1.35
CA PRO B 139 -22.86 2.91 2.46
C PRO B 139 -23.18 4.32 2.00
N GLY B 140 -23.71 5.09 2.95
CA GLY B 140 -23.88 6.52 2.78
C GLY B 140 -22.75 7.24 3.49
N TYR B 141 -22.68 8.54 3.26
CA TYR B 141 -21.70 9.40 3.89
C TYR B 141 -22.42 10.25 4.92
N PHE B 142 -22.01 10.15 6.18
CA PHE B 142 -22.65 10.87 7.27
C PHE B 142 -21.75 12.04 7.68
N LYS B 143 -22.23 13.26 7.43
CA LYS B 143 -21.46 14.46 7.78
C LYS B 143 -21.49 14.72 9.29
N ASP B 144 -22.62 14.45 9.91
CA ASP B 144 -22.87 14.51 11.34
C ASP B 144 -24.22 13.84 11.53
N GLU B 145 -24.35 12.97 12.52
CA GLU B 145 -25.57 12.17 12.51
C GLU B 145 -26.82 12.96 12.94
N SER B 146 -26.88 14.24 12.59
CA SER B 146 -28.15 14.77 12.08
C SER B 146 -28.36 14.32 10.63
N THR B 147 -27.32 13.80 9.99
CA THR B 147 -27.45 13.29 8.62
C THR B 147 -28.41 12.11 8.61
N THR B 148 -29.48 12.27 7.84
CA THR B 148 -30.44 11.21 7.66
C THR B 148 -29.91 10.16 6.68
N LEU B 149 -30.57 9.00 6.69
CA LEU B 149 -30.22 7.95 5.74
C LEU B 149 -30.34 8.46 4.30
N ASP B 150 -31.44 9.13 3.98
CA ASP B 150 -31.59 9.70 2.65
C ASP B 150 -30.47 10.68 2.34
N GLU B 151 -30.11 11.54 3.29
CA GLU B 151 -29.05 12.51 3.04
C GLU B 151 -27.72 11.81 2.79
N SER B 152 -27.48 10.72 3.54
CA SER B 152 -26.20 10.03 3.43
C SER B 152 -26.02 9.42 2.05
N GLU B 153 -27.10 8.91 1.44
CA GLU B 153 -27.01 8.36 0.09
C GLU B 153 -26.57 9.42 -0.91
N VAL B 154 -27.21 10.60 -0.86
CA VAL B 154 -26.88 11.67 -1.79
C VAL B 154 -25.46 12.19 -1.56
N TYR B 155 -25.10 12.45 -0.29
CA TYR B 155 -23.74 12.88 0.03
C TYR B 155 -22.72 11.92 -0.56
N MET B 156 -22.93 10.62 -0.38
CA MET B 156 -21.95 9.66 -0.86
C MET B 156 -21.90 9.63 -2.38
N MET B 157 -23.05 9.70 -3.04
CA MET B 157 -23.02 9.65 -4.50
C MET B 157 -22.41 10.91 -5.09
N ASP B 158 -22.62 12.07 -4.45
CA ASP B 158 -21.92 13.25 -4.94
C ASP B 158 -20.42 13.13 -4.71
N LEU B 159 -20.02 12.44 -3.64
CA LEU B 159 -18.59 12.21 -3.40
C LEU B 159 -18.00 11.30 -4.47
N TYR B 160 -18.71 10.23 -4.83
CA TYR B 160 -18.31 9.42 -5.97
C TYR B 160 -18.13 10.27 -7.23
N CYS B 161 -19.08 11.19 -7.48
CA CYS B 161 -18.99 11.96 -8.71
C CYS B 161 -17.79 12.91 -8.68
N GLU B 162 -17.53 13.52 -7.51
CA GLU B 162 -16.37 14.39 -7.40
C GLU B 162 -15.07 13.59 -7.54
N ARG B 163 -14.99 12.46 -6.84
CA ARG B 163 -13.72 11.75 -6.84
C ARG B 163 -13.48 11.02 -8.15
N ALA B 164 -14.55 10.59 -8.83
CA ALA B 164 -14.39 10.02 -10.16
C ALA B 164 -14.28 11.08 -11.26
N GLN B 165 -14.28 12.37 -10.90
CA GLN B 165 -14.08 13.45 -11.86
C GLN B 165 -15.09 13.38 -13.01
N ILE B 166 -16.36 13.22 -12.64
CA ILE B 166 -17.44 13.17 -13.63
C ILE B 166 -17.62 14.55 -14.25
N LYS B 167 -17.74 14.58 -15.58
CA LYS B 167 -18.02 15.81 -16.31
C LYS B 167 -19.23 15.57 -17.19
N ASP B 168 -20.14 16.56 -17.23
CA ASP B 168 -21.32 16.43 -18.05
C ASP B 168 -20.94 16.14 -19.49
N GLY B 169 -21.64 15.20 -20.10
CA GLY B 169 -21.37 14.77 -21.46
C GLY B 169 -20.59 13.48 -21.57
N GLN B 170 -19.96 13.04 -20.49
CA GLN B 170 -19.21 11.79 -20.53
C GLN B 170 -20.13 10.59 -20.69
N SER B 171 -19.61 9.53 -21.31
CA SER B 171 -20.26 8.23 -21.23
C SER B 171 -19.90 7.57 -19.90
N ILE B 172 -20.90 7.00 -19.24
CA ILE B 172 -20.78 6.47 -17.88
C ILE B 172 -21.23 5.02 -17.87
N LEU B 173 -20.42 4.14 -17.28
CA LEU B 173 -20.79 2.74 -17.09
C LEU B 173 -20.83 2.41 -15.60
N ASP B 174 -21.97 1.88 -15.14
CA ASP B 174 -22.20 1.57 -13.74
C ASP B 174 -22.28 0.04 -13.60
N LEU B 175 -21.18 -0.61 -13.20
CA LEU B 175 -21.13 -2.07 -13.15
C LEU B 175 -21.74 -2.60 -11.86
N GLY B 176 -22.71 -3.51 -12.00
CA GLY B 176 -23.42 -3.98 -10.82
C GLY B 176 -24.26 -2.85 -10.26
N CYS B 177 -25.11 -2.27 -11.10
CA CYS B 177 -25.80 -1.03 -10.75
C CYS B 177 -26.91 -1.23 -9.73
N GLY B 178 -27.29 -2.47 -9.42
CA GLY B 178 -28.31 -2.68 -8.41
C GLY B 178 -29.64 -2.10 -8.86
N HIS B 179 -30.31 -1.42 -7.95
CA HIS B 179 -31.54 -0.71 -8.30
C HIS B 179 -31.31 0.70 -8.82
N GLY B 180 -30.09 1.02 -9.23
CA GLY B 180 -29.86 2.22 -10.01
C GLY B 180 -29.62 3.50 -9.24
N SER B 181 -29.38 3.44 -7.92
CA SER B 181 -29.12 4.64 -7.13
C SER B 181 -28.13 5.57 -7.82
N LEU B 182 -26.97 5.06 -8.18
CA LEU B 182 -25.98 5.92 -8.80
C LEU B 182 -26.28 6.16 -10.27
N THR B 183 -26.82 5.16 -10.97
CA THR B 183 -27.16 5.35 -12.38
C THR B 183 -28.14 6.50 -12.54
N LEU B 184 -29.17 6.50 -11.71
CA LEU B 184 -30.20 7.53 -11.78
C LEU B 184 -29.70 8.85 -11.19
N HIS B 185 -28.82 8.80 -10.20
CA HIS B 185 -28.27 10.02 -9.64
C HIS B 185 -27.46 10.78 -10.70
N VAL B 186 -26.57 10.06 -11.40
CA VAL B 186 -25.72 10.67 -12.41
C VAL B 186 -26.54 11.13 -13.59
N ALA B 187 -27.52 10.32 -14.00
CA ALA B 187 -28.31 10.63 -15.18
C ALA B 187 -29.09 11.92 -14.99
N GLN B 188 -29.61 12.14 -13.77
CA GLN B 188 -30.39 13.35 -13.50
C GLN B 188 -29.50 14.55 -13.26
N LYS B 189 -28.34 14.35 -12.63
CA LYS B 189 -27.44 15.46 -12.32
C LYS B 189 -26.71 15.94 -13.57
N TYR B 190 -26.37 15.04 -14.50
CA TYR B 190 -25.58 15.36 -15.69
C TYR B 190 -26.37 14.89 -16.90
N ARG B 191 -27.31 15.73 -17.34
CA ARG B 191 -28.25 15.31 -18.35
C ARG B 191 -27.61 15.12 -19.72
N GLY B 192 -26.41 15.66 -19.93
CA GLY B 192 -25.66 15.42 -21.15
C GLY B 192 -24.88 14.10 -21.17
N CYS B 193 -24.79 13.43 -20.03
CA CYS B 193 -24.14 12.12 -19.96
C CYS B 193 -25.08 11.06 -20.52
N LYS B 194 -24.51 10.03 -21.14
CA LYS B 194 -25.22 8.78 -21.37
C LYS B 194 -24.76 7.77 -20.32
N VAL B 195 -25.70 7.23 -19.55
CA VAL B 195 -25.39 6.36 -18.43
C VAL B 195 -25.86 4.95 -18.76
N THR B 196 -24.94 3.99 -18.71
CA THR B 196 -25.24 2.58 -18.92
C THR B 196 -25.00 1.85 -17.60
N GLY B 197 -26.02 1.16 -17.10
CA GLY B 197 -25.90 0.31 -15.93
C GLY B 197 -25.92 -1.14 -16.36
N ILE B 198 -25.15 -1.98 -15.67
CA ILE B 198 -25.15 -3.42 -15.93
C ILE B 198 -25.58 -4.14 -14.65
N THR B 199 -26.61 -4.96 -14.76
CA THR B 199 -27.04 -5.79 -13.65
C THR B 199 -27.46 -7.15 -14.20
N ASN B 200 -27.35 -8.17 -13.36
CA ASN B 200 -27.79 -9.51 -13.71
C ASN B 200 -29.17 -9.84 -13.16
N SER B 201 -29.91 -8.83 -12.67
CA SER B 201 -31.21 -9.04 -12.07
C SER B 201 -32.31 -8.42 -12.94
N VAL B 202 -33.24 -9.27 -13.38
CA VAL B 202 -34.36 -8.79 -14.20
C VAL B 202 -35.17 -7.75 -13.45
N SER B 203 -35.49 -8.02 -12.18
CA SER B 203 -36.33 -7.08 -11.46
C SER B 203 -35.61 -5.76 -11.20
N GLN B 204 -34.29 -5.79 -11.06
CA GLN B 204 -33.56 -4.54 -10.94
C GLN B 204 -33.63 -3.73 -12.22
N LYS B 205 -33.43 -4.38 -13.38
CA LYS B 205 -33.51 -3.67 -14.64
C LYS B 205 -34.91 -3.09 -14.83
N GLU B 206 -35.94 -3.86 -14.49
CA GLU B 206 -37.31 -3.40 -14.68
C GLU B 206 -37.62 -2.21 -13.78
N PHE B 207 -37.16 -2.26 -12.53
CA PHE B 207 -37.34 -1.11 -11.65
C PHE B 207 -36.69 0.14 -12.23
N ILE B 208 -35.44 0.01 -12.70
CA ILE B 208 -34.75 1.20 -13.21
C ILE B 208 -35.46 1.76 -14.42
N MET B 209 -35.82 0.90 -15.38
CA MET B 209 -36.51 1.39 -16.57
C MET B 209 -37.84 2.02 -16.22
N ASP B 210 -38.50 1.54 -15.16
CA ASP B 210 -39.72 2.18 -14.72
C ASP B 210 -39.44 3.54 -14.09
N GLN B 211 -38.33 3.66 -13.36
CA GLN B 211 -37.94 4.96 -12.80
C GLN B 211 -37.66 5.97 -13.90
N CYS B 212 -37.01 5.52 -14.99
CA CYS B 212 -36.72 6.43 -16.09
C CYS B 212 -38.01 7.02 -16.66
N LYS B 213 -39.08 6.22 -16.70
CA LYS B 213 -40.38 6.72 -17.12
C LYS B 213 -40.91 7.75 -16.14
N LYS B 214 -41.02 7.38 -14.86
CA LYS B 214 -41.54 8.30 -13.86
C LYS B 214 -40.75 9.60 -13.80
N LEU B 215 -39.44 9.54 -14.09
CA LEU B 215 -38.57 10.70 -13.92
C LEU B 215 -38.29 11.41 -15.23
N ASP B 216 -38.81 10.90 -16.35
CA ASP B 216 -38.59 11.48 -17.67
C ASP B 216 -37.10 11.57 -18.00
N LEU B 217 -36.41 10.44 -17.88
CA LEU B 217 -35.00 10.34 -18.21
C LEU B 217 -34.84 9.65 -19.56
N SER B 218 -34.11 10.28 -20.47
CA SER B 218 -33.87 9.74 -21.80
C SER B 218 -32.44 9.23 -21.97
N ASN B 219 -31.61 9.34 -20.95
CA ASN B 219 -30.17 9.10 -21.09
C ASN B 219 -29.69 7.89 -20.30
N VAL B 220 -30.57 6.93 -20.04
CA VAL B 220 -30.23 5.72 -19.29
C VAL B 220 -30.47 4.48 -20.17
N GLU B 221 -29.49 3.58 -20.20
CA GLU B 221 -29.64 2.26 -20.78
C GLU B 221 -29.19 1.24 -19.74
N ILE B 222 -29.98 0.18 -19.53
CA ILE B 222 -29.64 -0.88 -18.61
C ILE B 222 -29.41 -2.15 -19.41
N ILE B 223 -28.24 -2.76 -19.23
CA ILE B 223 -27.86 -4.00 -19.90
C ILE B 223 -28.00 -5.12 -18.88
N LEU B 224 -28.74 -6.18 -19.24
CA LEU B 224 -28.95 -7.31 -18.37
C LEU B 224 -27.90 -8.37 -18.73
N GLU B 225 -26.84 -8.45 -17.93
CA GLU B 225 -25.73 -9.35 -18.23
C GLU B 225 -25.00 -9.71 -16.94
N ASP B 226 -24.27 -10.83 -17.02
CA ASP B 226 -23.25 -11.17 -16.05
C ASP B 226 -21.99 -10.37 -16.38
N VAL B 227 -21.59 -9.48 -15.47
CA VAL B 227 -20.42 -8.63 -15.73
C VAL B 227 -19.19 -9.47 -16.05
N THR B 228 -19.05 -10.63 -15.40
CA THR B 228 -17.86 -11.45 -15.61
C THR B 228 -17.82 -12.08 -16.99
N LYS B 229 -18.95 -12.15 -17.70
CA LYS B 229 -18.97 -12.70 -19.04
C LYS B 229 -19.26 -11.67 -20.11
N PHE B 230 -19.59 -10.44 -19.72
CA PHE B 230 -19.98 -9.42 -20.66
C PHE B 230 -18.82 -9.06 -21.58
N GLU B 231 -19.15 -8.80 -22.85
CA GLU B 231 -18.16 -8.40 -23.84
C GLU B 231 -18.77 -7.32 -24.74
N THR B 232 -17.96 -6.31 -25.05
CA THR B 232 -18.43 -5.19 -25.86
C THR B 232 -17.24 -4.55 -26.53
N GLU B 233 -17.50 -3.95 -27.69
CA GLU B 233 -16.51 -3.08 -28.30
C GLU B 233 -16.67 -1.63 -27.85
N ILE B 234 -17.70 -1.32 -27.07
CA ILE B 234 -17.94 0.04 -26.62
C ILE B 234 -16.99 0.35 -25.46
N THR B 235 -16.49 1.58 -25.41
CA THR B 235 -15.68 2.05 -24.30
C THR B 235 -16.34 3.26 -23.67
N TYR B 236 -16.00 3.50 -22.40
CA TYR B 236 -16.70 4.48 -21.58
C TYR B 236 -15.70 5.42 -20.90
N ASP B 237 -16.06 6.69 -20.81
CA ASP B 237 -15.19 7.70 -20.19
C ASP B 237 -15.01 7.44 -18.69
N ARG B 238 -16.05 6.96 -18.02
CA ARG B 238 -16.04 6.73 -16.59
C ARG B 238 -16.73 5.43 -16.28
N ILE B 239 -16.10 4.60 -15.46
CA ILE B 239 -16.69 3.34 -15.01
C ILE B 239 -16.74 3.35 -13.48
N PHE B 240 -17.90 3.00 -12.92
CA PHE B 240 -18.08 2.84 -11.50
C PHE B 240 -18.24 1.36 -11.16
N ALA B 241 -17.62 0.93 -10.05
CA ALA B 241 -17.84 -0.40 -9.47
C ALA B 241 -17.97 -0.19 -7.97
N VAL B 242 -19.21 0.01 -7.52
CA VAL B 242 -19.49 0.36 -6.13
C VAL B 242 -20.05 -0.87 -5.43
N ALA B 243 -19.23 -1.44 -4.54
CA ALA B 243 -19.61 -2.61 -3.76
C ALA B 243 -19.76 -3.85 -4.64
N LEU B 244 -19.08 -3.88 -5.79
CA LEU B 244 -19.11 -5.01 -6.71
C LEU B 244 -17.93 -5.95 -6.53
N ILE B 245 -16.72 -5.43 -6.27
CA ILE B 245 -15.59 -6.35 -6.17
C ILE B 245 -15.73 -7.24 -4.95
N GLU B 246 -16.58 -6.85 -3.98
CA GLU B 246 -16.99 -7.73 -2.89
C GLU B 246 -17.53 -9.08 -3.41
N HIS B 247 -17.96 -9.15 -4.66
CA HIS B 247 -18.49 -10.39 -5.23
C HIS B 247 -17.51 -11.06 -6.18
N MET B 248 -16.30 -10.54 -6.27
CA MET B 248 -15.26 -11.08 -7.14
C MET B 248 -14.21 -11.76 -6.29
N LYS B 249 -13.42 -12.60 -6.95
CA LYS B 249 -12.31 -13.27 -6.30
C LYS B 249 -10.99 -12.95 -6.96
N ASN B 250 -10.80 -13.34 -8.22
CA ASN B 250 -9.59 -13.02 -8.95
C ASN B 250 -9.69 -11.58 -9.44
N TYR B 251 -9.21 -10.64 -8.62
CA TYR B 251 -9.22 -9.23 -9.01
C TYR B 251 -8.40 -8.97 -10.27
N GLU B 252 -7.35 -9.76 -10.51
CA GLU B 252 -6.56 -9.58 -11.73
C GLU B 252 -7.42 -9.78 -12.97
N LEU B 253 -8.20 -10.86 -13.01
CA LEU B 253 -9.02 -11.07 -14.20
C LEU B 253 -10.13 -10.05 -14.26
N PHE B 254 -10.69 -9.68 -13.11
CA PHE B 254 -11.76 -8.66 -13.09
C PHE B 254 -11.26 -7.33 -13.64
N LEU B 255 -10.12 -6.85 -13.12
CA LEU B 255 -9.64 -5.56 -13.58
C LEU B 255 -9.10 -5.63 -15.01
N LYS B 256 -8.57 -6.78 -15.44
CA LYS B 256 -8.13 -6.90 -16.82
C LYS B 256 -9.29 -6.73 -17.79
N LYS B 257 -10.41 -7.38 -17.51
CA LYS B 257 -11.58 -7.28 -18.36
C LYS B 257 -12.15 -5.86 -18.36
N VAL B 258 -12.32 -5.29 -17.18
CA VAL B 258 -12.89 -3.94 -17.08
C VAL B 258 -11.98 -2.93 -17.77
N SER B 259 -10.65 -3.13 -17.67
CA SER B 259 -9.72 -2.18 -18.28
C SER B 259 -10.00 -2.00 -19.76
N THR B 260 -10.42 -3.07 -20.45
CA THR B 260 -10.65 -2.96 -21.89
C THR B 260 -11.85 -2.08 -22.20
N TRP B 261 -12.71 -1.82 -21.21
CA TRP B 261 -13.88 -0.97 -21.40
C TRP B 261 -13.62 0.51 -21.15
N ILE B 262 -12.42 0.86 -20.68
CA ILE B 262 -12.11 2.27 -20.38
C ILE B 262 -11.72 2.99 -21.65
N ALA B 263 -12.40 4.08 -21.95
CA ALA B 263 -12.06 4.89 -23.10
C ALA B 263 -10.70 5.57 -22.91
N GLN B 264 -10.21 6.16 -24.00
CA GLN B 264 -8.96 6.91 -23.94
C GLN B 264 -9.10 8.05 -22.93
N ASP B 265 -8.16 8.12 -22.00
CA ASP B 265 -8.14 9.08 -20.91
C ASP B 265 -9.33 8.90 -19.96
N GLY B 266 -9.93 7.71 -19.94
CA GLY B 266 -11.00 7.42 -19.00
C GLY B 266 -10.51 7.02 -17.62
N LEU B 267 -11.47 6.90 -16.70
CA LEU B 267 -11.20 6.56 -15.31
C LEU B 267 -12.19 5.52 -14.81
N LEU B 268 -11.71 4.67 -13.88
CA LEU B 268 -12.47 3.63 -13.20
C LEU B 268 -12.45 3.93 -11.70
N PHE B 269 -13.62 3.99 -11.09
CA PHE B 269 -13.76 4.28 -9.65
C PHE B 269 -14.33 3.06 -8.95
N VAL B 270 -13.60 2.52 -7.98
CA VAL B 270 -13.98 1.33 -7.24
C VAL B 270 -14.14 1.70 -5.78
N GLU B 271 -15.26 1.31 -5.17
CA GLU B 271 -15.39 1.42 -3.73
C GLU B 271 -15.58 0.01 -3.17
N HIS B 272 -14.78 -0.35 -2.17
CA HIS B 272 -14.95 -1.66 -1.56
C HIS B 272 -14.89 -1.57 -0.04
N HIS B 273 -15.80 -2.29 0.63
CA HIS B 273 -15.64 -2.55 2.04
C HIS B 273 -14.35 -3.32 2.24
N CYS B 274 -13.73 -3.13 3.39
CA CYS B 274 -12.43 -3.76 3.63
C CYS B 274 -12.09 -3.74 5.11
N HIS B 275 -11.08 -4.54 5.49
CA HIS B 275 -10.36 -4.23 6.70
C HIS B 275 -9.15 -3.38 6.33
N LYS B 276 -8.74 -2.53 7.26
CA LYS B 276 -7.66 -1.56 7.04
C LYS B 276 -6.36 -2.24 6.61
N VAL B 277 -6.06 -3.40 7.20
CA VAL B 277 -4.72 -3.99 7.14
C VAL B 277 -4.72 -5.32 6.39
N PHE B 278 -5.60 -6.25 6.78
CA PHE B 278 -5.51 -7.61 6.26
C PHE B 278 -6.79 -8.02 5.53
N ALA B 279 -6.63 -9.07 4.71
CA ALA B 279 -7.69 -9.65 3.90
C ALA B 279 -7.93 -11.10 4.31
N TYR B 280 -9.13 -11.60 4.04
CA TYR B 280 -9.45 -12.96 4.46
C TYR B 280 -10.71 -13.45 3.74
N GLN B 281 -10.75 -14.76 3.48
CA GLN B 281 -11.97 -15.41 3.03
C GLN B 281 -12.89 -15.67 4.22
N TYR B 282 -14.19 -15.64 3.95
CA TYR B 282 -15.17 -15.84 5.02
C TYR B 282 -15.21 -17.32 5.36
N GLU B 283 -14.37 -17.71 6.31
CA GLU B 283 -14.27 -19.06 6.83
C GLU B 283 -14.35 -18.97 8.35
N PRO B 284 -15.15 -19.85 8.98
CA PRO B 284 -15.31 -19.75 10.43
C PRO B 284 -13.97 -19.86 11.15
N LEU B 285 -13.86 -19.14 12.27
CA LEU B 285 -12.60 -19.06 12.99
C LEU B 285 -12.36 -20.25 13.90
N ASP B 286 -13.43 -20.86 14.39
CA ASP B 286 -13.34 -22.07 15.22
C ASP B 286 -14.75 -22.63 15.38
N GLU B 287 -14.91 -23.59 16.28
CA GLU B 287 -16.20 -24.22 16.52
C GLU B 287 -17.24 -23.23 17.06
N ASP B 288 -16.79 -22.22 17.80
CA ASP B 288 -17.69 -21.25 18.41
C ASP B 288 -18.08 -20.11 17.47
N ASP B 289 -17.63 -20.13 16.22
CA ASP B 289 -17.97 -19.10 15.24
C ASP B 289 -19.25 -19.51 14.54
N TRP B 290 -20.32 -18.76 14.79
CA TRP B 290 -21.57 -18.93 14.05
C TRP B 290 -21.80 -17.83 13.02
N TYR B 291 -21.30 -16.61 13.28
CA TYR B 291 -21.54 -15.47 12.39
C TYR B 291 -21.23 -15.81 10.95
N THR B 292 -20.08 -16.44 10.72
CA THR B 292 -19.52 -16.51 9.37
C THR B 292 -20.44 -17.27 8.43
N GLU B 293 -20.85 -18.48 8.80
CA GLU B 293 -21.71 -19.24 7.89
C GLU B 293 -23.18 -18.89 8.04
N TYR B 294 -23.56 -18.11 9.05
CA TYR B 294 -24.94 -17.63 9.11
C TYR B 294 -25.16 -16.46 8.17
N ILE B 295 -24.23 -15.50 8.18
CA ILE B 295 -24.35 -14.35 7.29
C ILE B 295 -23.96 -14.73 5.87
N PHE B 296 -22.96 -15.60 5.71
CA PHE B 296 -22.48 -16.05 4.42
C PHE B 296 -22.64 -17.57 4.34
N PRO B 297 -23.87 -18.06 4.13
CA PRO B 297 -24.09 -19.51 4.13
C PRO B 297 -23.38 -20.21 2.99
N SER B 298 -23.60 -19.73 1.78
CA SER B 298 -23.05 -20.36 0.58
C SER B 298 -21.84 -19.59 0.07
N GLY B 299 -21.12 -20.22 -0.86
CA GLY B 299 -19.96 -19.63 -1.47
C GLY B 299 -18.85 -19.29 -0.48
N THR B 300 -17.74 -18.78 -0.99
CA THR B 300 -16.65 -18.32 -0.14
C THR B 300 -16.16 -16.99 -0.71
N LEU B 301 -16.69 -15.90 -0.17
CA LEU B 301 -16.30 -14.57 -0.62
C LEU B 301 -15.10 -14.07 0.17
N VAL B 302 -14.59 -12.91 -0.26
CA VAL B 302 -13.34 -12.34 0.24
C VAL B 302 -13.65 -10.99 0.89
N MET B 303 -13.18 -10.79 2.11
CA MET B 303 -13.07 -9.45 2.70
C MET B 303 -11.72 -8.88 2.28
N SER B 304 -11.75 -7.81 1.49
CA SER B 304 -10.50 -7.22 1.00
C SER B 304 -9.81 -6.42 2.12
N SER B 305 -8.55 -6.07 1.89
CA SER B 305 -7.89 -5.06 2.71
C SER B 305 -7.85 -3.73 1.95
N SER B 306 -7.63 -2.64 2.70
CA SER B 306 -7.64 -1.31 2.08
C SER B 306 -6.54 -1.17 1.02
N SER B 307 -5.41 -1.88 1.15
CA SER B 307 -4.36 -1.72 0.16
CA SER B 307 -4.31 -1.76 0.21
C SER B 307 -4.31 -2.82 -0.88
N ILE B 308 -5.23 -3.78 -0.86
CA ILE B 308 -5.03 -4.98 -1.69
C ILE B 308 -5.05 -4.65 -3.18
N LEU B 309 -5.88 -3.69 -3.61
CA LEU B 309 -5.90 -3.44 -5.05
C LEU B 309 -4.62 -2.77 -5.55
N LEU B 310 -3.78 -2.25 -4.64
CA LEU B 310 -2.50 -1.73 -5.09
C LEU B 310 -1.63 -2.79 -5.72
N TYR B 311 -1.89 -4.06 -5.43
CA TYR B 311 -1.14 -5.18 -5.96
C TYR B 311 -1.76 -5.75 -7.24
N PHE B 312 -2.74 -5.05 -7.81
CA PHE B 312 -3.42 -5.51 -9.02
C PHE B 312 -3.42 -4.39 -10.07
N GLN B 313 -2.23 -3.90 -10.40
CA GLN B 313 -2.06 -2.80 -11.34
C GLN B 313 -1.38 -3.25 -12.63
N GLU B 314 -1.69 -4.46 -13.11
CA GLU B 314 -1.15 -4.88 -14.39
C GLU B 314 -1.82 -4.15 -15.56
N ASP B 315 -3.13 -3.86 -15.46
CA ASP B 315 -3.88 -3.33 -16.59
C ASP B 315 -4.51 -1.98 -16.31
N VAL B 316 -4.48 -1.51 -15.06
CA VAL B 316 -4.89 -0.16 -14.69
C VAL B 316 -3.86 0.35 -13.69
N SER B 317 -3.78 1.68 -13.56
CA SER B 317 -2.85 2.25 -12.59
C SER B 317 -3.60 3.21 -11.67
N VAL B 318 -3.19 3.22 -10.40
CA VAL B 318 -3.86 4.01 -9.38
C VAL B 318 -3.56 5.50 -9.56
N VAL B 319 -4.61 6.31 -9.70
CA VAL B 319 -4.57 7.77 -9.75
C VAL B 319 -4.70 8.36 -8.35
N ASN B 320 -5.57 7.78 -7.55
CA ASN B 320 -5.81 8.28 -6.20
C ASN B 320 -6.41 7.13 -5.40
N HIS B 321 -6.36 7.26 -4.08
CA HIS B 321 -6.77 6.20 -3.18
C HIS B 321 -7.18 6.85 -1.88
N TRP B 322 -8.43 6.61 -1.44
CA TRP B 322 -8.92 7.18 -0.20
C TRP B 322 -9.51 6.08 0.67
N THR B 323 -9.59 6.34 1.97
CA THR B 323 -10.46 5.54 2.82
C THR B 323 -11.43 6.43 3.58
N LEU B 324 -12.58 5.84 3.94
CA LEU B 324 -13.53 6.46 4.86
C LEU B 324 -13.72 5.54 6.05
N SER B 325 -13.86 6.13 7.23
CA SER B 325 -13.95 5.38 8.47
C SER B 325 -15.16 4.43 8.49
N GLY B 326 -15.03 3.36 9.28
CA GLY B 326 -16.15 2.44 9.45
C GLY B 326 -17.38 3.05 10.09
N LYS B 327 -17.26 4.25 10.67
CA LYS B 327 -18.43 4.95 11.18
C LYS B 327 -19.51 5.10 10.12
N HIS B 328 -19.11 5.36 8.86
CA HIS B 328 -20.13 5.59 7.83
C HIS B 328 -20.95 4.33 7.55
N PRO B 329 -20.35 3.18 7.21
CA PRO B 329 -21.19 1.98 7.06
C PRO B 329 -21.91 1.59 8.34
N SER B 330 -21.30 1.82 9.50
CA SER B 330 -21.94 1.48 10.77
C SER B 330 -23.24 2.27 10.96
N LEU B 331 -23.17 3.59 10.78
CA LEU B 331 -24.36 4.44 10.90
C LEU B 331 -25.43 4.02 9.91
N GLY B 332 -25.03 3.65 8.69
CA GLY B 332 -26.02 3.22 7.70
C GLY B 332 -26.73 1.94 8.12
N PHE B 333 -25.99 0.97 8.63
CA PHE B 333 -26.62 -0.28 9.06
C PHE B 333 -27.56 -0.03 10.21
N LYS B 334 -27.20 0.90 11.11
CA LYS B 334 -28.09 1.28 12.20
C LYS B 334 -29.38 1.87 11.66
N GLN B 335 -29.29 2.68 10.59
CA GLN B 335 -30.50 3.26 10.02
C GLN B 335 -31.34 2.20 9.33
N TRP B 336 -30.69 1.25 8.65
CA TRP B 336 -31.43 0.14 8.04
C TRP B 336 -32.22 -0.61 9.09
N LEU B 337 -31.58 -0.92 10.23
CA LEU B 337 -32.25 -1.66 11.28
C LEU B 337 -33.44 -0.87 11.84
N LYS B 338 -33.25 0.43 12.09
CA LYS B 338 -34.33 1.27 12.60
C LYS B 338 -35.54 1.26 11.67
N ARG B 339 -35.29 1.38 10.37
CA ARG B 339 -36.40 1.42 9.42
C ARG B 339 -37.10 0.08 9.36
N LEU B 340 -36.33 -1.01 9.36
CA LEU B 340 -36.90 -2.34 9.50
C LEU B 340 -37.80 -2.42 10.73
N ASP B 341 -37.25 -2.03 11.88
CA ASP B 341 -37.97 -2.21 13.14
C ASP B 341 -39.22 -1.34 13.18
N ASP B 342 -39.11 -0.10 12.71
CA ASP B 342 -40.25 0.82 12.73
C ASP B 342 -41.37 0.39 11.81
N ASN B 343 -41.13 -0.54 10.89
CA ASN B 343 -42.15 -0.97 9.94
C ASN B 343 -42.26 -2.49 9.89
N ILE B 344 -41.99 -3.14 11.01
CA ILE B 344 -41.82 -4.59 11.03
C ILE B 344 -43.09 -5.32 10.58
N ASP B 345 -44.27 -4.77 10.91
CA ASP B 345 -45.51 -5.42 10.49
C ASP B 345 -45.65 -5.43 8.97
N GLU B 346 -45.28 -4.33 8.31
CA GLU B 346 -45.36 -4.30 6.85
C GLU B 346 -44.31 -5.20 6.24
N VAL B 347 -43.11 -5.23 6.84
CA VAL B 347 -42.07 -6.15 6.40
C VAL B 347 -42.58 -7.58 6.42
N LYS B 348 -43.34 -7.95 7.46
CA LYS B 348 -43.87 -9.30 7.57
C LYS B 348 -44.81 -9.66 6.41
N GLU B 349 -45.72 -8.75 6.07
CA GLU B 349 -46.68 -9.03 4.98
C GLU B 349 -45.96 -9.15 3.65
N ILE B 350 -44.94 -8.32 3.41
CA ILE B 350 -44.19 -8.42 2.18
C ILE B 350 -43.51 -9.77 2.08
N PHE B 351 -42.87 -10.20 3.18
CA PHE B 351 -42.07 -11.42 3.15
C PHE B 351 -42.96 -12.65 3.10
N GLU B 352 -44.07 -12.64 3.85
CA GLU B 352 -45.00 -13.77 3.79
C GLU B 352 -45.55 -13.95 2.37
N SER B 353 -45.83 -12.85 1.68
CA SER B 353 -46.28 -12.96 0.29
C SER B 353 -45.17 -13.52 -0.60
N PHE B 354 -43.94 -13.03 -0.42
CA PHE B 354 -42.84 -13.42 -1.31
C PHE B 354 -42.30 -14.79 -0.96
N TYR B 355 -42.08 -15.08 0.32
CA TYR B 355 -41.46 -16.34 0.73
C TYR B 355 -42.48 -17.42 1.07
N GLY B 356 -43.77 -17.07 1.18
CA GLY B 356 -44.82 -18.07 1.14
C GLY B 356 -45.29 -18.63 2.46
N SER B 357 -44.76 -18.14 3.59
CA SER B 357 -45.22 -18.60 4.89
C SER B 357 -44.74 -17.63 5.96
N LYS B 358 -45.39 -17.70 7.13
CA LYS B 358 -45.00 -16.83 8.24
C LYS B 358 -43.61 -17.20 8.76
N GLU B 359 -43.38 -18.48 8.99
CA GLU B 359 -42.11 -18.91 9.57
C GLU B 359 -40.94 -18.56 8.65
N LYS B 360 -41.10 -18.80 7.35
CA LYS B 360 -40.04 -18.46 6.40
C LYS B 360 -39.83 -16.95 6.32
N ALA B 361 -40.92 -16.18 6.44
CA ALA B 361 -40.79 -14.73 6.48
C ALA B 361 -40.00 -14.27 7.70
N MET B 362 -40.24 -14.89 8.85
CA MET B 362 -39.54 -14.45 10.05
C MET B 362 -38.09 -14.92 10.08
N LYS B 363 -37.74 -15.99 9.36
CA LYS B 363 -36.33 -16.35 9.25
C LYS B 363 -35.55 -15.29 8.47
N PHE B 364 -36.15 -14.76 7.40
CA PHE B 364 -35.49 -13.73 6.61
C PHE B 364 -35.44 -12.40 7.37
N ILE B 365 -36.49 -12.10 8.14
CA ILE B 365 -36.46 -10.90 8.98
C ILE B 365 -35.33 -10.99 9.98
N THR B 366 -35.21 -12.13 10.67
CA THR B 366 -34.14 -12.31 11.63
C THR B 366 -32.78 -12.18 10.98
N TYR B 367 -32.63 -12.72 9.76
CA TYR B 367 -31.38 -12.57 9.02
C TYR B 367 -31.01 -11.10 8.89
N TRP B 368 -31.93 -10.29 8.36
CA TRP B 368 -31.59 -8.88 8.11
C TRP B 368 -31.32 -8.12 9.39
N ARG B 369 -32.09 -8.39 10.46
CA ARG B 369 -31.81 -7.72 11.73
C ARG B 369 -30.41 -8.07 12.22
N VAL B 370 -30.07 -9.36 12.22
CA VAL B 370 -28.73 -9.77 12.67
C VAL B 370 -27.67 -9.19 11.75
N PHE B 371 -27.92 -9.25 10.44
CA PHE B 371 -27.04 -8.63 9.45
C PHE B 371 -26.72 -7.19 9.82
N CYS B 372 -27.76 -6.38 10.07
CA CYS B 372 -27.56 -4.98 10.42
C CYS B 372 -26.85 -4.83 11.76
N ILE B 373 -27.30 -5.57 12.78
CA ILE B 373 -26.72 -5.40 14.12
C ILE B 373 -25.26 -5.81 14.12
N ALA B 374 -24.96 -6.95 13.49
CA ALA B 374 -23.60 -7.47 13.52
C ALA B 374 -22.67 -6.59 12.73
N HIS B 375 -23.11 -6.14 11.55
CA HIS B 375 -22.21 -5.35 10.72
C HIS B 375 -22.05 -3.92 11.25
N SER B 376 -23.09 -3.37 11.87
CA SER B 376 -22.92 -2.10 12.54
C SER B 376 -21.88 -2.20 13.67
N GLN B 377 -21.91 -3.29 14.43
CA GLN B 377 -20.91 -3.48 15.47
C GLN B 377 -19.52 -3.64 14.86
N MET B 378 -19.41 -4.49 13.82
CA MET B 378 -18.12 -4.75 13.18
C MET B 378 -17.48 -3.45 12.69
N TYR B 379 -18.23 -2.66 11.93
CA TYR B 379 -17.63 -1.46 11.35
C TYR B 379 -17.33 -0.40 12.38
N SER B 380 -18.04 -0.40 13.52
CA SER B 380 -17.79 0.57 14.57
C SER B 380 -16.51 0.29 15.36
N THR B 381 -15.94 -0.91 15.23
CA THR B 381 -14.80 -1.35 16.05
C THR B 381 -13.69 -0.31 16.05
N ASN B 382 -13.26 0.06 17.25
CA ASN B 382 -12.15 0.99 17.45
C ASN B 382 -12.36 2.28 16.66
N ASN B 383 -13.55 2.88 16.85
CA ASN B 383 -13.87 4.16 16.25
C ASN B 383 -13.82 4.10 14.72
N GLY B 384 -14.19 2.96 14.17
CA GLY B 384 -14.21 2.82 12.73
C GLY B 384 -12.87 2.67 12.07
N GLU B 385 -11.82 2.38 12.84
CA GLU B 385 -10.46 2.29 12.31
C GLU B 385 -10.00 0.86 12.07
N GLU B 386 -10.92 -0.10 12.06
CA GLU B 386 -10.57 -1.45 11.63
C GLU B 386 -11.23 -1.75 10.30
N TRP B 387 -12.53 -2.03 10.28
CA TRP B 387 -13.22 -2.22 9.01
C TRP B 387 -13.73 -0.88 8.56
N MET B 388 -13.63 -0.64 7.26
CA MET B 388 -13.82 0.71 6.72
C MET B 388 -14.10 0.58 5.23
N LEU B 389 -14.06 1.70 4.52
CA LEU B 389 -14.28 1.73 3.09
C LEU B 389 -13.02 2.20 2.38
N SER B 390 -12.74 1.60 1.23
CA SER B 390 -11.63 1.99 0.38
C SER B 390 -12.18 2.42 -0.98
N GLN B 391 -11.76 3.59 -1.44
CA GLN B 391 -12.10 4.08 -2.77
C GLN B 391 -10.82 4.21 -3.58
N VAL B 392 -10.79 3.64 -4.77
CA VAL B 392 -9.61 3.66 -5.61
C VAL B 392 -9.99 4.20 -6.99
N LEU B 393 -9.23 5.19 -7.45
CA LEU B 393 -9.42 5.74 -8.78
C LEU B 393 -8.32 5.22 -9.67
N PHE B 394 -8.69 4.61 -10.80
CA PHE B 394 -7.74 4.00 -11.73
C PHE B 394 -7.79 4.67 -13.10
N LYS B 395 -6.65 4.73 -13.78
CA LYS B 395 -6.62 4.99 -15.22
C LYS B 395 -6.12 3.75 -15.95
N LYS B 396 -6.35 3.73 -17.27
CA LYS B 396 -5.97 2.56 -18.06
C LYS B 396 -4.46 2.50 -18.23
N LYS B 397 -3.93 1.26 -18.25
CA LYS B 397 -2.49 1.07 -18.31
C LYS B 397 -2.12 0.05 -19.38
N SAH C . 24.13 0.02 -4.48
CA SAH C . 25.44 0.25 -3.79
CB SAH C . 25.58 1.74 -3.48
CG SAH C . 24.50 2.21 -2.50
SD SAH C . 24.64 3.95 -2.02
C SAH C . 25.55 -0.57 -2.51
O SAH C . 24.48 -1.18 -2.11
OXT SAH C . 26.63 -0.62 -1.93
C5' SAH C . 23.86 4.81 -3.42
C4' SAH C . 24.86 5.03 -4.53
O4' SAH C . 24.21 5.64 -5.68
C3' SAH C . 26.00 5.98 -4.14
O3' SAH C . 27.25 5.48 -4.62
C2' SAH C . 25.61 7.27 -4.84
O2' SAH C . 26.69 8.17 -5.07
C1' SAH C . 25.05 6.69 -6.12
N9 SAH C . 24.27 7.61 -6.93
C8 SAH C . 23.36 8.52 -6.47
N7 SAH C . 22.80 9.23 -7.41
C5 SAH C . 23.37 8.75 -8.58
C6 SAH C . 23.20 9.09 -9.94
N6 SAH C . 22.35 10.02 -10.36
N1 SAH C . 23.92 8.40 -10.85
C2 SAH C . 24.77 7.46 -10.43
N3 SAH C . 25.02 7.06 -9.18
C4 SAH C . 24.28 7.74 -8.29
N SAH D . -23.59 -0.57 -6.92
CA SAH D . -24.98 -0.74 -6.40
CB SAH D . -25.20 -2.20 -5.99
CG SAH D . -24.16 -2.67 -4.99
SD SAH D . -24.39 -4.39 -4.43
C SAH D . -25.20 0.19 -5.19
O SAH D . -26.44 0.25 -4.76
OXT SAH D . -24.27 0.81 -4.69
C5' SAH D . -23.48 -5.34 -5.68
C4' SAH D . -24.41 -5.62 -6.84
O4' SAH D . -23.73 -6.25 -7.96
C3' SAH D . -25.58 -6.53 -6.47
O3' SAH D . -26.77 -5.99 -7.03
C2' SAH D . -25.19 -7.86 -7.13
O2' SAH D . -26.31 -8.69 -7.44
C1' SAH D . -24.51 -7.35 -8.38
N9 SAH D . -23.63 -8.33 -9.04
C8 SAH D . -22.77 -9.20 -8.44
N7 SAH D . -22.11 -9.97 -9.28
C5 SAH D . -22.58 -9.56 -10.53
C6 SAH D . -22.27 -9.97 -11.84
N6 SAH D . -21.39 -10.93 -12.12
N1 SAH D . -22.92 -9.35 -12.86
C2 SAH D . -23.80 -8.39 -12.57
N3 SAH D . -24.17 -7.92 -11.37
C4 SAH D . -23.52 -8.55 -10.39
#